data_7AYZ
#
_entry.id   7AYZ
#
_cell.length_a   80.833
_cell.length_b   81.802
_cell.length_c   170.643
_cell.angle_alpha   90.000
_cell.angle_beta   90.000
_cell.angle_gamma   90.000
#
_symmetry.space_group_name_H-M   'P 21 21 21'
#
loop_
_entity.id
_entity.type
_entity.pdbx_description
1 polymer 'N-glycosylase/DNA lyase'
2 non-polymer ~{N}-cyclohexyl-2-cyclopropyl-quinazolin-4-amine
3 non-polymer 'NICKEL (II) ION'
4 water water
#
_entity_poly.entity_id   1
_entity_poly.type   'polypeptide(L)'
_entity_poly.pdbx_seq_one_letter_code
;GSHMRHRTLSSSPALWASIPCPRSELRLDLVLASGQSFRWKEQSPAHWSGVLADQVWTLTQTEDQLYCTVYRGDDSQVSR
PTLEELETLHKYFQLDVSLAQLYSHWASVDSHFQRVAQKFQGVRLLRQDPTECLFSFICSSNNNIARITGMVERLCQAFG
PRLIQLDDVTYHGFPNLHALAGPEAETHLRKLGLGYRARYVRASAKAILEEQGGPAWLQQLRVAPYEEAHKALCTLPGVG
AKVADCICLMALDKPQAVPVDVHVWQIAHRDYGWHPKTSQAKGPSPLANKELGNFFRNLWGPYAGWAQAVLFSADLRQ
;
_entity_poly.pdbx_strand_id   AAA,BBB,CCC
#
# COMPACT_ATOMS: atom_id res chain seq x y z
N HIS A 3 -25.22 39.14 17.71
CA HIS A 3 -24.51 37.84 17.44
C HIS A 3 -23.32 38.08 16.50
N MET A 4 -22.09 38.06 17.04
CA MET A 4 -20.83 38.12 16.24
C MET A 4 -20.68 36.82 15.46
N ARG A 5 -20.00 36.86 14.30
CA ARG A 5 -19.90 35.73 13.35
C ARG A 5 -18.42 35.47 12.98
N HIS A 6 -18.12 34.22 12.59
CA HIS A 6 -16.78 33.79 12.11
C HIS A 6 -16.39 34.56 10.85
N ARG A 7 -15.26 35.27 10.91
CA ARG A 7 -14.73 36.10 9.80
C ARG A 7 -14.20 35.19 8.68
N THR A 8 -14.19 35.72 7.47
CA THR A 8 -13.50 35.18 6.26
C THR A 8 -12.60 36.30 5.73
N LEU A 9 -11.66 35.98 4.82
CA LEU A 9 -10.61 36.93 4.37
C LEU A 9 -11.26 38.05 3.54
N SER A 10 -12.23 37.70 2.70
CA SER A 10 -13.00 38.64 1.84
C SER A 10 -13.95 39.50 2.70
N SER A 11 -14.43 38.96 3.84
CA SER A 11 -15.34 39.64 4.79
C SER A 11 -14.52 40.45 5.82
N SER A 12 -14.51 41.78 5.67
CA SER A 12 -13.71 42.72 6.49
C SER A 12 -12.23 42.33 6.42
N PRO A 13 -11.60 42.48 5.23
CA PRO A 13 -10.14 42.35 5.11
C PRO A 13 -9.39 43.41 5.91
N ALA A 14 -10.13 44.37 6.47
CA ALA A 14 -9.65 45.43 7.38
C ALA A 14 -9.39 44.88 8.79
N LEU A 15 -9.45 43.56 9.00
CA LEU A 15 -9.28 42.92 10.34
C LEU A 15 -8.21 41.82 10.29
N TRP A 16 -7.48 41.66 9.18
CA TRP A 16 -6.46 40.60 8.96
C TRP A 16 -5.07 41.21 8.85
N ALA A 17 -4.09 40.60 9.52
CA ALA A 17 -2.63 40.81 9.33
C ALA A 17 -2.03 39.54 8.72
N SER A 18 -0.96 39.68 7.93
CA SER A 18 -0.31 38.57 7.18
C SER A 18 1.09 38.28 7.75
N ILE A 19 1.55 37.04 7.59
CA ILE A 19 2.95 36.60 7.89
C ILE A 19 3.51 35.91 6.65
N PRO A 20 4.64 36.39 6.08
CA PRO A 20 5.21 35.80 4.87
C PRO A 20 5.59 34.33 5.08
N CYS A 21 4.79 33.41 4.54
CA CYS A 21 4.87 31.95 4.80
C CYS A 21 4.55 31.15 3.54
N PRO A 22 5.55 30.50 2.91
CA PRO A 22 5.26 29.58 1.79
C PRO A 22 4.42 28.39 2.28
N ARG A 23 3.60 27.81 1.38
CA ARG A 23 2.77 26.61 1.68
C ARG A 23 3.69 25.40 1.88
N SER A 24 4.85 25.38 1.21
CA SER A 24 5.91 24.36 1.38
C SER A 24 6.42 24.36 2.83
N GLU A 25 6.33 25.49 3.53
CA GLU A 25 6.75 25.67 4.94
C GLU A 25 5.63 25.25 5.89
N LEU A 26 4.36 25.50 5.54
CA LEU A 26 3.19 25.28 6.43
C LEU A 26 1.91 25.08 5.60
N ARG A 27 1.26 23.93 5.76
CA ARG A 27 -0.09 23.63 5.20
C ARG A 27 -1.06 23.37 6.36
N LEU A 28 -1.83 24.40 6.74
CA LEU A 28 -2.76 24.42 7.91
C LEU A 28 -3.62 23.15 7.92
N ASP A 29 -4.10 22.72 6.75
CA ASP A 29 -5.06 21.59 6.60
C ASP A 29 -4.38 20.25 6.91
N LEU A 30 -3.05 20.21 7.03
CA LEU A 30 -2.26 18.97 7.34
C LEU A 30 -1.66 19.04 8.75
N VAL A 31 -1.87 20.15 9.47
CA VAL A 31 -1.22 20.46 10.78
C VAL A 31 -2.28 20.60 11.87
N LEU A 32 -3.29 21.46 11.67
CA LEU A 32 -4.17 21.98 12.75
C LEU A 32 -5.12 20.90 13.29
N ALA A 33 -5.62 20.01 12.44
CA ALA A 33 -6.59 18.96 12.82
C ALA A 33 -6.02 17.57 12.52
N SER A 34 -4.70 17.40 12.69
CA SER A 34 -3.93 16.19 12.33
C SER A 34 -3.31 15.57 13.59
N GLY A 35 -3.94 15.76 14.75
CA GLY A 35 -3.64 15.01 15.99
C GLY A 35 -2.50 15.60 16.80
N GLN A 36 -2.24 16.91 16.67
CA GLN A 36 -1.29 17.65 17.55
C GLN A 36 -2.11 18.48 18.54
N SER A 37 -2.75 19.55 18.05
CA SER A 37 -3.83 20.30 18.74
C SER A 37 -5.18 19.70 18.34
N PHE A 38 -6.20 19.86 19.17
CA PHE A 38 -7.59 19.38 18.94
C PHE A 38 -8.56 20.55 19.10
N ARG A 39 -8.06 21.78 18.92
CA ARG A 39 -8.77 23.05 19.21
C ARG A 39 -9.03 23.83 17.92
N TRP A 40 -8.69 23.26 16.76
CA TRP A 40 -8.83 23.94 15.44
C TRP A 40 -9.93 23.25 14.62
N LYS A 41 -10.86 24.04 14.08
CA LYS A 41 -11.99 23.59 13.24
C LYS A 41 -12.09 24.48 11.99
N GLU A 42 -12.17 23.86 10.81
CA GLU A 42 -12.52 24.53 9.53
C GLU A 42 -13.99 24.93 9.60
N GLN A 43 -14.29 26.05 10.27
CA GLN A 43 -15.67 26.56 10.51
C GLN A 43 -16.29 27.05 9.18
N SER A 44 -15.46 27.59 8.29
CA SER A 44 -15.78 27.85 6.86
C SER A 44 -14.57 27.46 6.00
N PRO A 45 -14.77 27.08 4.71
CA PRO A 45 -13.69 26.50 3.92
C PRO A 45 -12.37 27.29 3.94
N ALA A 46 -11.27 26.61 4.24
CA ALA A 46 -9.88 27.14 4.32
C ALA A 46 -9.76 28.23 5.39
N HIS A 47 -10.68 28.25 6.36
CA HIS A 47 -10.74 29.24 7.47
C HIS A 47 -10.81 28.52 8.82
N TRP A 48 -9.65 28.23 9.41
CA TRP A 48 -9.47 27.45 10.67
C TRP A 48 -9.58 28.39 11.87
N SER A 49 -10.52 28.11 12.77
CA SER A 49 -10.78 28.89 14.01
C SER A 49 -10.43 28.04 15.24
N GLY A 50 -9.78 28.64 16.24
CA GLY A 50 -9.38 27.95 17.48
C GLY A 50 -8.89 28.88 18.56
N VAL A 51 -8.82 28.37 19.80
CA VAL A 51 -8.33 29.12 21.00
C VAL A 51 -6.81 28.97 21.10
N LEU A 52 -6.10 30.09 21.17
CA LEU A 52 -4.67 30.20 21.58
C LEU A 52 -4.59 31.10 22.82
N ALA A 53 -4.09 30.57 23.93
CA ALA A 53 -3.95 31.27 25.23
C ALA A 53 -5.34 31.66 25.76
N ASP A 54 -5.74 32.93 25.60
CA ASP A 54 -7.03 33.46 26.12
C ASP A 54 -7.75 34.25 25.00
N GLN A 55 -7.40 33.97 23.75
CA GLN A 55 -7.92 34.68 22.54
C GLN A 55 -8.34 33.64 21.50
N VAL A 56 -9.37 33.96 20.70
CA VAL A 56 -9.78 33.14 19.52
C VAL A 56 -9.06 33.72 18.29
N TRP A 57 -8.75 32.86 17.32
CA TRP A 57 -8.10 33.21 16.03
C TRP A 57 -8.89 32.57 14.89
N THR A 58 -8.83 33.17 13.70
CA THR A 58 -9.19 32.51 12.42
C THR A 58 -7.98 32.65 11.49
N LEU A 59 -7.57 31.53 10.87
CA LEU A 59 -6.33 31.42 10.05
C LEU A 59 -6.70 30.94 8.64
N THR A 60 -6.08 31.55 7.63
CA THR A 60 -6.20 31.17 6.19
C THR A 60 -4.88 31.53 5.49
N GLN A 61 -4.59 30.91 4.36
CA GLN A 61 -3.28 31.06 3.67
C GLN A 61 -3.43 30.96 2.15
N THR A 62 -2.56 31.68 1.43
CA THR A 62 -2.32 31.55 -0.02
C THR A 62 -0.98 30.81 -0.20
N GLU A 63 -0.44 30.78 -1.43
CA GLU A 63 0.84 30.10 -1.76
C GLU A 63 2.00 30.83 -1.05
N ASP A 64 1.83 32.11 -0.73
CA ASP A 64 2.92 33.05 -0.33
C ASP A 64 2.78 33.49 1.13
N GLN A 65 1.56 33.65 1.63
CA GLN A 65 1.26 34.39 2.89
C GLN A 65 0.38 33.56 3.81
N LEU A 66 0.54 33.74 5.13
CA LEU A 66 -0.38 33.27 6.20
C LEU A 66 -1.19 34.47 6.71
N TYR A 67 -2.49 34.49 6.43
CA TYR A 67 -3.44 35.54 6.85
C TYR A 67 -4.11 35.11 8.16
N CYS A 68 -4.20 36.02 9.13
CA CYS A 68 -4.73 35.74 10.50
C CYS A 68 -5.42 36.97 11.08
N THR A 69 -6.52 36.74 11.82
CA THR A 69 -7.30 37.75 12.57
C THR A 69 -7.65 37.20 13.95
N VAL A 70 -7.81 38.08 14.94
CA VAL A 70 -8.04 37.71 16.38
C VAL A 70 -9.37 38.30 16.86
N TYR A 71 -10.13 37.52 17.62
CA TYR A 71 -11.37 37.93 18.32
C TYR A 71 -11.06 38.05 19.82
N ARG A 72 -10.97 39.28 20.32
CA ARG A 72 -10.66 39.56 21.75
C ARG A 72 -11.98 39.66 22.52
N ASP A 74 -17.47 40.88 23.32
CA ASP A 74 -17.51 42.33 23.67
C ASP A 74 -16.35 42.64 24.62
N ASP A 75 -15.39 43.45 24.16
CA ASP A 75 -14.18 43.83 24.95
C ASP A 75 -13.53 45.06 24.31
N SER A 76 -12.47 44.89 23.51
CA SER A 76 -11.77 45.97 22.77
C SER A 76 -12.58 46.36 21.53
N GLN A 77 -12.13 47.39 20.82
CA GLN A 77 -12.71 47.82 19.51
C GLN A 77 -12.21 46.85 18.44
N VAL A 78 -13.07 46.49 17.47
CA VAL A 78 -12.77 45.52 16.37
C VAL A 78 -11.55 46.04 15.60
N SER A 79 -10.44 45.29 15.62
CA SER A 79 -9.14 45.69 14.99
C SER A 79 -8.32 44.45 14.61
N ARG A 80 -7.23 44.67 13.85
CA ARG A 80 -6.35 43.62 13.28
C ARG A 80 -5.38 43.15 14.37
N PRO A 81 -4.72 41.98 14.19
CA PRO A 81 -3.72 41.50 15.16
C PRO A 81 -2.56 42.49 15.37
N THR A 82 -2.12 42.65 16.62
CA THR A 82 -0.96 43.50 17.01
C THR A 82 0.35 42.78 16.65
N LEU A 83 1.50 43.43 16.90
CA LEU A 83 2.85 42.93 16.53
C LEU A 83 3.19 41.70 17.38
N GLU A 84 3.06 41.81 18.70
CA GLU A 84 3.42 40.77 19.69
C GLU A 84 2.48 39.56 19.55
N GLU A 85 1.26 39.79 19.09
CA GLU A 85 0.24 38.74 18.81
C GLU A 85 0.64 37.96 17.56
N LEU A 86 1.25 38.62 16.56
CA LEU A 86 1.80 37.97 15.34
C LEU A 86 3.06 37.17 15.70
N GLU A 87 3.83 37.64 16.69
CA GLU A 87 5.08 36.98 17.19
C GLU A 87 4.68 35.66 17.85
N THR A 88 3.54 35.63 18.55
CA THR A 88 2.94 34.45 19.21
C THR A 88 2.68 33.35 18.17
N LEU A 89 2.01 33.67 17.07
CA LEU A 89 1.68 32.72 15.97
C LEU A 89 2.97 32.20 15.33
N HIS A 90 3.96 33.08 15.16
CA HIS A 90 5.28 32.75 14.54
C HIS A 90 5.96 31.67 15.37
N LYS A 91 5.96 31.84 16.70
CA LYS A 91 6.54 30.89 17.69
C LYS A 91 5.69 29.61 17.71
N TYR A 92 4.37 29.75 17.86
CA TYR A 92 3.40 28.63 17.88
C TYR A 92 3.64 27.68 16.71
N PHE A 93 3.96 28.22 15.52
CA PHE A 93 4.21 27.45 14.28
C PHE A 93 5.70 27.18 14.10
N GLN A 94 6.56 27.70 15.00
CA GLN A 94 8.03 27.50 15.02
C GLN A 94 8.64 27.83 13.65
N LEU A 95 8.32 29.00 13.10
CA LEU A 95 8.63 29.38 11.69
C LEU A 95 10.12 29.78 11.52
N ASP A 96 10.85 30.03 12.61
CA ASP A 96 12.33 30.23 12.58
C ASP A 96 13.01 28.99 11.95
N VAL A 97 12.40 27.81 12.09
CA VAL A 97 12.92 26.51 11.57
C VAL A 97 12.42 26.31 10.13
N SER A 98 13.34 26.06 9.20
CA SER A 98 13.06 25.77 7.77
C SER A 98 12.69 24.29 7.61
N LEU A 99 11.44 24.02 7.24
CA LEU A 99 10.93 22.65 6.96
C LEU A 99 11.57 22.15 5.66
N ALA A 100 11.78 23.04 4.69
CA ALA A 100 12.48 22.77 3.41
C ALA A 100 13.79 22.01 3.67
N GLN A 101 14.62 22.52 4.57
CA GLN A 101 15.98 21.98 4.84
C GLN A 101 15.87 20.64 5.60
N LEU A 102 14.93 20.54 6.55
CA LEU A 102 14.70 19.31 7.35
C LEU A 102 14.19 18.19 6.44
N TYR A 103 13.16 18.47 5.62
CA TYR A 103 12.64 17.53 4.59
C TYR A 103 13.82 16.97 3.78
N SER A 104 14.69 17.85 3.28
CA SER A 104 15.89 17.52 2.46
C SER A 104 16.84 16.61 3.25
N HIS A 105 17.21 17.03 4.46
CA HIS A 105 18.12 16.31 5.39
C HIS A 105 17.60 14.88 5.66
N TRP A 106 16.30 14.73 5.90
CA TRP A 106 15.63 13.42 6.15
C TRP A 106 15.58 12.60 4.85
N ALA A 107 15.32 13.25 3.71
CA ALA A 107 15.23 12.62 2.38
C ALA A 107 16.57 11.99 1.99
N SER A 108 17.69 12.60 2.42
CA SER A 108 19.07 12.20 2.04
C SER A 108 19.42 10.82 2.63
N VAL A 109 18.73 10.40 3.71
CA VAL A 109 19.04 9.12 4.44
C VAL A 109 17.86 8.14 4.39
N ASP A 110 16.64 8.60 4.09
CA ASP A 110 15.42 7.75 4.09
C ASP A 110 14.74 7.85 2.71
N SER A 111 14.90 6.79 1.92
CA SER A 111 14.30 6.63 0.56
C SER A 111 12.77 6.67 0.68
N HIS A 112 12.22 6.09 1.75
CA HIS A 112 10.75 5.95 1.97
C HIS A 112 10.13 7.31 2.28
N PHE A 113 10.82 8.14 3.06
CA PHE A 113 10.38 9.50 3.43
C PHE A 113 10.34 10.38 2.16
N GLN A 114 11.30 10.17 1.25
CA GLN A 114 11.42 10.91 -0.04
C GLN A 114 10.11 10.82 -0.82
N ARG A 115 9.56 9.61 -0.99
CA ARG A 115 8.33 9.34 -1.78
C ARG A 115 7.12 10.00 -1.09
N VAL A 116 6.91 9.71 0.20
CA VAL A 116 5.73 10.16 0.99
C VAL A 116 5.74 11.69 1.09
N ALA A 117 6.91 12.29 1.37
CA ALA A 117 7.09 13.74 1.61
C ALA A 117 6.76 14.57 0.37
N GLN A 118 7.03 14.05 -0.83
CA GLN A 118 6.69 14.70 -2.12
C GLN A 118 5.24 15.20 -2.06
N LYS A 119 4.31 14.32 -1.66
CA LYS A 119 2.84 14.57 -1.66
C LYS A 119 2.41 15.37 -0.42
N PHE A 120 3.19 15.33 0.67
CA PHE A 120 2.82 15.88 2.00
C PHE A 120 3.85 16.90 2.50
N GLN A 121 3.93 18.04 1.81
CA GLN A 121 4.78 19.19 2.19
C GLN A 121 4.03 20.02 3.26
N GLY A 122 4.77 20.83 4.02
CA GLY A 122 4.22 21.85 4.94
C GLY A 122 3.74 21.27 6.26
N VAL A 123 4.12 20.03 6.59
CA VAL A 123 3.75 19.37 7.88
C VAL A 123 4.83 19.69 8.92
N ARG A 124 4.55 20.60 9.85
CA ARG A 124 5.48 20.99 10.93
C ARG A 124 4.82 20.75 12.29
N LEU A 125 5.61 20.84 13.35
CA LEU A 125 5.18 20.68 14.76
C LEU A 125 4.74 22.03 15.30
N LEU A 126 3.53 22.09 15.86
CA LEU A 126 3.06 23.22 16.70
C LEU A 126 3.83 23.19 18.03
N ARG A 127 4.09 24.36 18.60
CA ARG A 127 4.72 24.53 19.94
C ARG A 127 3.60 24.88 20.92
N GLN A 128 3.09 23.88 21.65
CA GLN A 128 1.83 23.96 22.44
C GLN A 128 2.13 24.33 23.90
N ASP A 129 1.13 24.85 24.61
CA ASP A 129 1.14 25.05 26.08
C ASP A 129 1.26 23.66 26.72
N PRO A 130 2.23 23.42 27.62
CA PRO A 130 2.39 22.11 28.27
C PRO A 130 1.11 21.55 28.92
N THR A 131 0.34 22.39 29.61
CA THR A 131 -0.88 21.99 30.37
C THR A 131 -1.93 21.46 29.40
N GLU A 132 -2.34 22.27 28.43
CA GLU A 132 -3.30 21.91 27.36
C GLU A 132 -2.81 20.63 26.65
N CYS A 133 -1.51 20.52 26.40
CA CYS A 133 -0.92 19.35 25.71
C CYS A 133 -1.03 18.10 26.59
N LEU A 134 -0.72 18.21 27.88
CA LEU A 134 -0.67 17.05 28.81
C LEU A 134 -2.06 16.41 28.93
N PHE A 135 -3.07 17.20 29.25
CA PHE A 135 -4.46 16.72 29.51
C PHE A 135 -5.08 16.25 28.18
N SER A 136 -4.77 16.94 27.08
CA SER A 136 -5.23 16.56 25.73
C SER A 136 -4.81 15.11 25.43
N PHE A 137 -3.58 14.73 25.80
CA PHE A 137 -2.99 13.43 25.44
C PHE A 137 -3.30 12.38 26.51
N ILE A 138 -3.57 12.78 27.75
CA ILE A 138 -4.18 11.87 28.78
C ILE A 138 -5.54 11.42 28.25
N CYS A 139 -6.26 12.29 27.56
CA CYS A 139 -7.58 11.99 26.91
C CYS A 139 -7.39 11.13 25.65
N SER A 140 -6.16 10.97 25.14
CA SER A 140 -5.87 10.38 23.80
C SER A 140 -5.79 8.85 23.85
N SER A 141 -5.52 8.25 25.02
CA SER A 141 -5.37 6.78 25.21
C SER A 141 -6.55 6.05 24.56
N ASN A 142 -6.27 4.98 23.79
CA ASN A 142 -7.30 4.09 23.19
C ASN A 142 -8.47 4.93 22.67
N ASN A 143 -8.16 6.00 21.92
CA ASN A 143 -9.12 7.05 21.49
C ASN A 143 -8.71 7.55 20.10
N ASN A 144 -9.61 8.27 19.42
CA ASN A 144 -9.40 8.83 18.04
C ASN A 144 -9.58 10.35 18.07
N ILE A 145 -9.12 11.04 17.03
CA ILE A 145 -9.00 12.53 16.94
C ILE A 145 -10.38 13.18 17.11
N ALA A 146 -11.45 12.55 16.62
CA ALA A 146 -12.83 13.09 16.67
C ALA A 146 -13.35 13.03 18.11
N ARG A 147 -13.23 11.88 18.77
CA ARG A 147 -13.65 11.69 20.19
C ARG A 147 -12.79 12.60 21.10
N ILE A 148 -11.49 12.74 20.84
CA ILE A 148 -10.57 13.56 21.68
C ILE A 148 -10.96 15.04 21.55
N THR A 149 -11.21 15.50 20.33
CA THR A 149 -11.70 16.86 19.99
C THR A 149 -12.95 17.17 20.84
N GLY A 150 -13.86 16.20 20.95
CA GLY A 150 -15.13 16.32 21.70
C GLY A 150 -14.90 16.44 23.20
N MET A 151 -14.07 15.55 23.75
CA MET A 151 -13.74 15.49 25.19
C MET A 151 -12.99 16.75 25.64
N VAL A 152 -12.16 17.37 24.79
CA VAL A 152 -11.35 18.57 25.16
C VAL A 152 -12.26 19.81 25.11
N GLU A 153 -13.21 19.85 24.17
CA GLU A 153 -14.17 20.97 24.02
C GLU A 153 -15.08 21.00 25.26
N ARG A 154 -15.76 19.89 25.55
CA ARG A 154 -16.67 19.74 26.72
C ARG A 154 -15.90 20.09 28.01
N LEU A 155 -14.69 19.55 28.15
CA LEU A 155 -13.76 19.82 29.29
C LEU A 155 -13.57 21.32 29.46
N CYS A 156 -13.29 22.04 28.36
CA CYS A 156 -13.02 23.50 28.35
C CYS A 156 -14.30 24.29 28.68
N GLN A 157 -15.44 23.91 28.10
CA GLN A 157 -16.74 24.62 28.30
C GLN A 157 -17.19 24.46 29.76
N ALA A 158 -16.83 23.36 30.41
CA ALA A 158 -17.29 22.98 31.77
C ALA A 158 -16.35 23.50 32.87
N PHE A 159 -15.08 23.80 32.55
CA PHE A 159 -14.03 24.14 33.55
C PHE A 159 -13.29 25.44 33.21
N GLY A 160 -13.12 25.77 31.94
CA GLY A 160 -12.35 26.94 31.47
C GLY A 160 -13.25 28.16 31.26
N PRO A 161 -12.71 29.40 31.31
CA PRO A 161 -13.53 30.62 31.23
C PRO A 161 -14.07 30.87 29.81
N ARG A 162 -15.29 31.39 29.70
CA ARG A 162 -15.89 31.78 28.40
C ARG A 162 -15.12 32.99 27.85
N LEU A 163 -14.70 32.92 26.58
CA LEU A 163 -13.97 34.00 25.88
C LEU A 163 -14.94 34.78 24.98
N ILE A 164 -15.60 34.08 24.06
CA ILE A 164 -16.50 34.70 23.03
C ILE A 164 -17.40 33.61 22.42
N GLN A 165 -18.46 34.04 21.73
CA GLN A 165 -19.33 33.19 20.88
C GLN A 165 -19.28 33.72 19.45
N LEU A 166 -19.09 32.83 18.48
CA LEU A 166 -19.05 33.13 17.02
C LEU A 166 -19.98 32.14 16.30
N ASP A 167 -21.13 32.60 15.83
CA ASP A 167 -22.25 31.75 15.32
C ASP A 167 -22.80 30.94 16.51
N ASP A 168 -22.99 29.62 16.33
CA ASP A 168 -23.49 28.70 17.40
C ASP A 168 -22.30 27.98 18.07
N VAL A 169 -21.12 28.61 18.12
CA VAL A 169 -19.87 28.04 18.71
C VAL A 169 -19.42 28.93 19.87
N THR A 170 -19.51 28.41 21.10
CA THR A 170 -19.03 29.06 22.35
C THR A 170 -17.59 28.60 22.60
N TYR A 171 -16.67 29.55 22.78
CA TYR A 171 -15.21 29.30 22.93
C TYR A 171 -14.79 29.57 24.38
N HIS A 172 -14.20 28.56 25.04
CA HIS A 172 -13.63 28.63 26.41
C HIS A 172 -12.11 28.42 26.36
N GLY A 173 -11.37 29.18 27.17
CA GLY A 173 -9.92 28.99 27.38
C GLY A 173 -9.66 27.68 28.09
N PHE A 174 -8.44 27.13 28.00
CA PHE A 174 -8.09 25.86 28.68
C PHE A 174 -8.09 26.11 30.18
N PRO A 175 -8.71 25.21 30.99
CA PRO A 175 -8.78 25.40 32.43
C PRO A 175 -7.41 25.34 33.10
N ASN A 176 -7.25 26.03 34.24
CA ASN A 176 -6.03 25.98 35.08
C ASN A 176 -6.06 24.69 35.87
N LEU A 177 -4.91 24.25 36.40
CA LEU A 177 -4.77 22.96 37.13
C LEU A 177 -5.80 22.89 38.26
N HIS A 178 -5.98 23.97 39.03
CA HIS A 178 -6.84 24.01 40.25
C HIS A 178 -8.29 23.69 39.90
N ALA A 179 -8.77 24.11 38.73
CA ALA A 179 -10.14 23.83 38.24
C ALA A 179 -10.34 22.34 37.94
N LEU A 180 -9.28 21.62 37.54
CA LEU A 180 -9.34 20.17 37.20
C LEU A 180 -9.01 19.31 38.43
N ALA A 181 -8.47 19.89 39.50
CA ALA A 181 -7.94 19.16 40.68
C ALA A 181 -9.01 18.97 41.76
N GLY A 182 -10.20 19.56 41.60
CA GLY A 182 -11.21 19.73 42.66
C GLY A 182 -11.95 18.43 42.97
N PRO A 183 -12.65 18.35 44.13
CA PRO A 183 -13.27 17.10 44.60
C PRO A 183 -14.39 16.50 43.73
N GLU A 184 -15.04 17.30 42.89
CA GLU A 184 -16.16 16.84 42.01
C GLU A 184 -15.72 16.84 40.54
N ALA A 185 -14.41 16.99 40.27
CA ALA A 185 -13.84 17.10 38.91
C ALA A 185 -13.99 15.79 38.15
N GLU A 186 -13.63 14.66 38.77
CA GLU A 186 -13.68 13.32 38.13
C GLU A 186 -15.13 13.00 37.77
N THR A 187 -16.06 13.25 38.70
CA THR A 187 -17.51 12.91 38.55
C THR A 187 -18.09 13.67 37.35
N HIS A 188 -17.73 14.96 37.21
CA HIS A 188 -18.20 15.85 36.12
C HIS A 188 -17.60 15.38 34.79
N LEU A 189 -16.27 15.18 34.76
CA LEU A 189 -15.53 14.73 33.56
C LEU A 189 -16.10 13.40 33.05
N ARG A 190 -16.68 12.57 33.94
CA ARG A 190 -17.31 11.27 33.57
C ARG A 190 -18.67 11.52 32.89
N LYS A 191 -19.44 12.49 33.40
CA LYS A 191 -20.71 12.96 32.77
C LYS A 191 -20.41 13.48 31.35
N LEU A 192 -19.25 14.10 31.15
CA LEU A 192 -18.81 14.65 29.83
C LEU A 192 -18.24 13.52 28.94
N GLY A 193 -18.17 12.29 29.45
CA GLY A 193 -17.97 11.08 28.63
C GLY A 193 -16.52 10.68 28.48
N LEU A 194 -15.62 11.14 29.37
CA LEU A 194 -14.16 10.82 29.33
C LEU A 194 -13.91 9.39 29.83
N GLY A 195 -14.91 8.73 30.42
CA GLY A 195 -14.76 7.38 30.99
C GLY A 195 -13.66 7.35 32.04
N TYR A 196 -12.74 6.37 31.95
CA TYR A 196 -11.62 6.15 32.90
C TYR A 196 -10.64 7.33 32.88
N ARG A 197 -10.55 8.03 31.75
CA ARG A 197 -9.61 9.17 31.54
C ARG A 197 -9.93 10.30 32.53
N ALA A 198 -11.12 10.30 33.12
CA ALA A 198 -11.56 11.30 34.13
C ALA A 198 -10.67 11.22 35.38
N ARG A 199 -10.34 10.00 35.83
CA ARG A 199 -9.50 9.79 37.05
C ARG A 199 -8.11 10.37 36.81
N TYR A 200 -7.52 10.11 35.63
CA TYR A 200 -6.13 10.50 35.28
C TYR A 200 -6.03 12.03 35.21
N VAL A 201 -7.02 12.68 34.59
CA VAL A 201 -7.07 14.17 34.42
C VAL A 201 -7.06 14.84 35.80
N ARG A 202 -8.01 14.50 36.67
CA ARG A 202 -8.09 15.08 38.04
C ARG A 202 -6.81 14.75 38.80
N ALA A 203 -6.46 13.46 38.87
CA ALA A 203 -5.28 12.93 39.62
C ALA A 203 -4.02 13.67 39.16
N SER A 204 -3.78 13.76 37.85
CA SER A 204 -2.59 14.45 37.27
C SER A 204 -2.60 15.94 37.61
N ALA A 205 -3.76 16.60 37.58
CA ALA A 205 -3.93 18.02 37.99
C ALA A 205 -3.51 18.16 39.46
N LYS A 206 -3.96 17.26 40.33
CA LYS A 206 -3.59 17.25 41.78
C LYS A 206 -2.07 17.08 41.93
N ALA A 207 -1.52 16.07 41.27
CA ALA A 207 -0.08 15.68 41.38
C ALA A 207 0.81 16.86 40.99
N ILE A 208 0.47 17.60 39.94
CA ILE A 208 1.34 18.72 39.44
C ILE A 208 1.31 19.85 40.49
N LEU A 209 0.19 20.05 41.18
CA LEU A 209 0.05 21.10 42.23
C LEU A 209 0.82 20.67 43.48
N GLU A 210 0.34 19.61 44.15
CA GLU A 210 0.77 19.20 45.50
C GLU A 210 2.20 18.64 45.47
N GLU A 211 2.54 17.86 44.44
CA GLU A 211 3.78 17.04 44.40
C GLU A 211 4.84 17.64 43.46
N GLN A 212 4.51 18.65 42.63
CA GLN A 212 5.50 19.22 41.68
C GLN A 212 5.56 20.76 41.75
N GLY A 213 4.61 21.41 42.44
CA GLY A 213 4.62 22.87 42.65
C GLY A 213 3.98 23.63 41.50
N GLY A 214 2.94 23.06 40.88
CA GLY A 214 2.11 23.71 39.85
C GLY A 214 2.83 23.88 38.52
N PRO A 215 2.31 24.73 37.61
CA PRO A 215 2.74 24.76 36.20
C PRO A 215 4.18 25.21 35.93
N ALA A 216 4.87 25.80 36.91
CA ALA A 216 6.30 26.16 36.80
C ALA A 216 7.12 24.90 36.53
N TRP A 217 6.69 23.76 37.08
CA TRP A 217 7.32 22.43 36.88
C TRP A 217 7.41 22.11 35.38
N LEU A 218 6.32 22.31 34.64
CA LEU A 218 6.23 22.04 33.18
C LEU A 218 7.22 22.94 32.41
N GLN A 219 7.43 24.18 32.86
CA GLN A 219 8.44 25.12 32.29
C GLN A 219 9.86 24.60 32.58
N GLN A 220 10.10 24.06 33.78
CA GLN A 220 11.41 23.46 34.14
C GLN A 220 11.73 22.35 33.13
N LEU A 221 10.75 21.47 32.87
CA LEU A 221 10.91 20.29 31.96
C LEU A 221 11.24 20.80 30.55
N ARG A 222 10.62 21.90 30.12
CA ARG A 222 10.83 22.55 28.81
C ARG A 222 12.30 22.92 28.65
N VAL A 223 13.00 23.20 29.77
CA VAL A 223 14.43 23.63 29.81
C VAL A 223 15.32 22.42 30.11
N ALA A 224 14.84 21.45 30.91
CA ALA A 224 15.54 20.20 31.28
C ALA A 224 15.81 19.36 30.04
N PRO A 225 16.85 18.49 30.04
CA PRO A 225 17.08 17.59 28.90
C PRO A 225 15.92 16.59 28.71
N TYR A 226 15.72 16.15 27.46
CA TYR A 226 14.61 15.26 26.98
C TYR A 226 14.38 14.08 27.93
N GLU A 227 15.43 13.34 28.27
CA GLU A 227 15.36 12.06 29.02
C GLU A 227 14.85 12.35 30.44
N GLU A 228 15.26 13.49 31.03
CA GLU A 228 14.88 13.92 32.40
C GLU A 228 13.39 14.30 32.44
N ALA A 229 12.93 15.03 31.42
CA ALA A 229 11.53 15.48 31.27
C ALA A 229 10.63 14.25 31.07
N HIS A 230 11.04 13.32 30.22
CA HIS A 230 10.26 12.09 29.88
C HIS A 230 9.99 11.30 31.17
N LYS A 231 11.01 11.14 32.02
CA LYS A 231 10.93 10.35 33.28
C LYS A 231 10.03 11.09 34.28
N ALA A 232 10.15 12.42 34.33
CA ALA A 232 9.33 13.30 35.20
C ALA A 232 7.85 13.16 34.85
N LEU A 233 7.52 13.25 33.56
CA LEU A 233 6.12 13.10 33.05
C LEU A 233 5.57 11.71 33.40
N CYS A 234 6.39 10.66 33.31
CA CYS A 234 5.95 9.24 33.48
C CYS A 234 5.52 8.98 34.94
N THR A 235 5.88 9.85 35.89
CA THR A 235 5.46 9.73 37.31
C THR A 235 3.99 10.14 37.49
N LEU A 236 3.37 10.75 36.49
CA LEU A 236 1.98 11.30 36.56
C LEU A 236 0.96 10.20 36.25
N PRO A 237 -0.21 10.18 36.95
CA PRO A 237 -1.30 9.28 36.60
C PRO A 237 -1.71 9.38 35.12
N GLY A 238 -1.77 8.25 34.42
CA GLY A 238 -2.25 8.13 33.03
C GLY A 238 -1.22 8.62 32.03
N VAL A 239 0.03 8.82 32.48
CA VAL A 239 1.13 9.29 31.59
C VAL A 239 2.20 8.20 31.52
N GLY A 240 2.23 7.44 30.42
CA GLY A 240 3.29 6.47 30.11
C GLY A 240 4.26 7.03 29.09
N ALA A 241 5.17 6.18 28.59
CA ALA A 241 6.22 6.52 27.61
C ALA A 241 5.61 7.31 26.43
N LYS A 242 4.49 6.85 25.89
CA LYS A 242 3.86 7.41 24.65
C LYS A 242 3.40 8.86 24.91
N VAL A 243 2.57 9.05 25.93
CA VAL A 243 2.00 10.39 26.30
C VAL A 243 3.14 11.34 26.67
N ALA A 244 4.17 10.83 27.37
CA ALA A 244 5.34 11.62 27.79
C ALA A 244 6.07 12.16 26.55
N ASP A 245 6.31 11.28 25.58
CA ASP A 245 7.03 11.58 24.32
C ASP A 245 6.20 12.55 23.48
N CYS A 246 4.88 12.42 23.49
CA CYS A 246 3.93 13.33 22.80
C CYS A 246 4.12 14.74 23.37
N ILE A 247 4.07 14.87 24.70
CA ILE A 247 4.21 16.17 25.41
C ILE A 247 5.62 16.72 25.14
N CYS A 248 6.65 15.88 25.33
CA CYS A 248 8.08 16.22 25.08
C CYS A 248 8.21 16.82 23.67
N LEU A 249 7.70 16.13 22.65
CA LEU A 249 7.80 16.54 21.22
C LEU A 249 7.08 17.87 20.97
N MET A 250 5.88 18.05 21.53
CA MET A 250 4.89 19.06 21.05
C MET A 250 4.76 20.24 22.02
N ALA A 251 5.40 20.21 23.20
CA ALA A 251 5.18 21.23 24.26
C ALA A 251 6.45 21.55 25.07
N LEU A 252 7.48 20.70 25.06
CA LEU A 252 8.71 20.88 25.88
C LEU A 252 9.95 21.00 24.97
N ASP A 253 9.77 21.30 23.68
CA ASP A 253 10.88 21.59 22.73
C ASP A 253 11.90 20.44 22.74
N LYS A 254 11.43 19.19 22.62
CA LYS A 254 12.26 17.98 22.47
C LYS A 254 12.00 17.39 21.09
N PRO A 255 12.58 17.96 20.00
CA PRO A 255 12.26 17.55 18.64
C PRO A 255 12.60 16.08 18.35
N GLN A 256 13.52 15.52 19.15
CA GLN A 256 14.06 14.15 18.99
C GLN A 256 13.09 13.13 19.61
N ALA A 257 12.07 13.59 20.35
CA ALA A 257 11.06 12.73 21.01
C ALA A 257 10.21 12.03 19.94
N VAL A 258 10.11 10.70 20.01
CA VAL A 258 9.39 9.86 19.02
C VAL A 258 8.38 8.97 19.75
N PRO A 259 7.09 9.38 19.84
CA PRO A 259 6.08 8.59 20.51
C PRO A 259 5.86 7.25 19.78
N VAL A 260 5.98 6.14 20.50
CA VAL A 260 5.85 4.76 19.98
C VAL A 260 4.60 4.12 20.59
N ASP A 261 3.70 3.64 19.74
CA ASP A 261 2.56 2.75 20.07
C ASP A 261 2.51 1.66 18.99
N VAL A 262 1.43 0.87 18.95
CA VAL A 262 1.27 -0.29 18.03
C VAL A 262 1.19 0.20 16.57
N HIS A 263 0.76 1.44 16.33
CA HIS A 263 0.63 2.03 14.97
C HIS A 263 2.01 2.44 14.41
N VAL A 264 2.92 2.94 15.26
CA VAL A 264 4.32 3.27 14.86
C VAL A 264 5.03 1.95 14.54
N TRP A 265 4.78 0.94 15.37
CA TRP A 265 5.24 -0.46 15.19
C TRP A 265 4.88 -0.95 13.77
N GLN A 266 3.62 -0.79 13.39
CA GLN A 266 3.05 -1.19 12.07
C GLN A 266 3.84 -0.50 10.95
N ILE A 267 3.96 0.83 11.00
CA ILE A 267 4.67 1.64 9.97
C ILE A 267 6.12 1.15 9.88
N ALA A 268 6.84 1.18 11.01
CA ALA A 268 8.26 0.75 11.11
C ALA A 268 8.43 -0.63 10.46
N HIS A 269 7.60 -1.61 10.84
CA HIS A 269 7.68 -3.00 10.33
C HIS A 269 7.39 -3.05 8.83
N ARG A 270 6.24 -2.53 8.40
CA ARG A 270 5.74 -2.64 7.01
C ARG A 270 6.62 -1.83 6.05
N ASP A 271 7.03 -0.62 6.45
CA ASP A 271 7.62 0.40 5.55
C ASP A 271 9.15 0.47 5.71
N TYR A 272 9.72 0.00 6.82
CA TYR A 272 11.19 0.03 7.09
C TYR A 272 11.75 -1.38 7.33
N GLY A 273 10.90 -2.40 7.33
CA GLY A 273 11.29 -3.80 7.62
C GLY A 273 11.90 -3.93 9.00
N TRP A 274 11.52 -3.06 9.94
CA TRP A 274 12.06 -3.05 11.33
C TRP A 274 11.47 -4.21 12.12
N HIS A 275 12.34 -4.96 12.80
CA HIS A 275 12.00 -5.93 13.87
C HIS A 275 12.84 -5.59 15.09
N PRO A 276 12.36 -5.87 16.32
CA PRO A 276 13.18 -5.70 17.52
C PRO A 276 14.42 -6.62 17.44
N LYS A 277 15.58 -6.10 17.84
CA LYS A 277 16.84 -6.86 18.01
C LYS A 277 16.95 -7.27 19.48
N THR A 278 15.91 -7.93 19.99
CA THR A 278 15.78 -8.43 21.39
C THR A 278 15.15 -9.83 21.34
N SER A 279 13.87 -9.94 21.75
CA SER A 279 13.11 -11.22 21.87
C SER A 279 11.83 -11.12 21.04
N GLN A 280 10.90 -10.25 21.46
CA GLN A 280 9.55 -10.08 20.86
C GLN A 280 9.68 -9.38 19.49
N PRO A 284 5.57 -5.83 20.97
CA PRO A 284 5.60 -4.54 21.68
C PRO A 284 5.71 -4.72 23.21
N SER A 285 6.85 -4.31 23.76
CA SER A 285 7.12 -4.18 25.22
C SER A 285 7.66 -2.78 25.47
N PRO A 286 7.76 -2.31 26.74
CA PRO A 286 8.44 -1.05 27.04
C PRO A 286 9.85 -0.95 26.43
N LEU A 287 10.65 -2.01 26.56
CA LEU A 287 12.06 -2.06 26.08
C LEU A 287 12.12 -1.95 24.56
N ALA A 288 11.27 -2.70 23.85
CA ALA A 288 11.24 -2.77 22.37
C ALA A 288 10.67 -1.47 21.78
N ASN A 289 9.72 -0.84 22.48
CA ASN A 289 9.12 0.48 22.11
C ASN A 289 10.21 1.55 22.23
N LYS A 290 11.08 1.44 23.25
CA LYS A 290 12.24 2.33 23.45
C LYS A 290 13.25 2.08 22.32
N GLU A 291 13.50 0.82 21.97
CA GLU A 291 14.43 0.42 20.87
C GLU A 291 13.92 1.03 19.54
N LEU A 292 12.61 1.03 19.31
CA LEU A 292 11.99 1.58 18.08
C LEU A 292 12.22 3.09 18.03
N GLY A 293 12.02 3.78 19.15
CA GLY A 293 12.29 5.23 19.26
C GLY A 293 13.73 5.56 18.93
N ASN A 294 14.68 4.73 19.40
CA ASN A 294 16.14 4.89 19.19
C ASN A 294 16.45 4.71 17.70
N PHE A 295 15.86 3.69 17.08
CA PHE A 295 16.01 3.36 15.63
C PHE A 295 15.80 4.61 14.79
N PHE A 296 14.68 5.32 15.00
CA PHE A 296 14.26 6.50 14.20
C PHE A 296 15.18 7.69 14.49
N ARG A 297 15.53 7.92 15.76
CA ARG A 297 16.50 8.97 16.17
C ARG A 297 17.84 8.75 15.46
N ASN A 298 18.28 7.49 15.37
CA ASN A 298 19.57 7.09 14.74
C ASN A 298 19.51 7.31 13.23
N LEU A 299 18.32 7.20 12.64
CA LEU A 299 18.07 7.32 11.18
C LEU A 299 17.91 8.80 10.79
N TRP A 300 16.99 9.51 11.45
CA TRP A 300 16.56 10.88 11.06
C TRP A 300 17.33 11.95 11.83
N GLY A 301 17.84 11.62 13.02
CA GLY A 301 18.68 12.53 13.83
C GLY A 301 17.86 13.33 14.84
N PRO A 302 18.37 14.48 15.33
CA PRO A 302 17.77 15.18 16.46
C PRO A 302 16.38 15.80 16.24
N TYR A 303 15.81 15.69 15.03
CA TYR A 303 14.43 16.15 14.70
C TYR A 303 13.58 14.96 14.24
N ALA A 304 13.89 13.75 14.73
CA ALA A 304 13.18 12.49 14.38
C ALA A 304 11.67 12.63 14.57
N GLY A 305 11.25 13.35 15.62
CA GLY A 305 9.83 13.53 15.99
C GLY A 305 9.07 14.31 14.94
N TRP A 306 9.71 15.32 14.34
CA TRP A 306 9.14 16.18 13.28
C TRP A 306 8.96 15.36 12.00
N ALA A 307 9.90 14.44 11.73
CA ALA A 307 9.83 13.49 10.59
C ALA A 307 8.65 12.54 10.80
N GLN A 308 8.39 12.14 12.05
CA GLN A 308 7.27 11.24 12.43
C GLN A 308 5.93 11.96 12.17
N ALA A 309 5.89 13.28 12.43
CA ALA A 309 4.69 14.13 12.23
C ALA A 309 4.31 14.14 10.75
N VAL A 310 5.30 14.03 9.84
CA VAL A 310 5.08 14.03 8.36
C VAL A 310 4.50 12.67 7.96
N LEU A 311 5.06 11.56 8.47
CA LEU A 311 4.61 10.18 8.15
C LEU A 311 3.23 9.93 8.75
N PHE A 312 2.99 10.36 9.99
CA PHE A 312 1.70 10.21 10.72
C PHE A 312 0.60 10.94 9.95
N SER A 313 0.83 12.23 9.67
CA SER A 313 -0.09 13.15 8.95
C SER A 313 -0.43 12.59 7.56
N ALA A 314 0.52 11.91 6.93
CA ALA A 314 0.37 11.26 5.59
C ALA A 314 -0.47 9.98 5.73
N ASP A 315 -0.12 9.11 6.69
CA ASP A 315 -0.74 7.77 6.91
C ASP A 315 -2.15 7.94 7.50
N LEU A 316 -2.60 9.19 7.67
CA LEU A 316 -3.95 9.54 8.20
C LEU A 316 -4.92 9.79 7.05
N ARG A 317 -4.41 10.09 5.84
CA ARG A 317 -5.20 10.29 4.59
C ARG A 317 -5.20 8.99 3.79
N HIS B 3 23.24 25.22 -35.66
CA HIS B 3 22.22 24.67 -34.71
C HIS B 3 20.89 24.42 -35.46
N MET B 4 19.95 23.72 -34.82
CA MET B 4 18.79 23.05 -35.46
C MET B 4 17.66 22.95 -34.42
N ARG B 5 16.53 22.32 -34.76
CA ARG B 5 15.31 22.24 -33.90
C ARG B 5 14.92 20.78 -33.63
N HIS B 6 14.27 20.54 -32.49
CA HIS B 6 13.67 19.23 -32.08
C HIS B 6 12.43 18.94 -32.93
N ARG B 7 12.41 17.80 -33.63
CA ARG B 7 11.31 17.38 -34.54
C ARG B 7 10.14 16.85 -33.70
N THR B 8 8.91 17.07 -34.18
CA THR B 8 7.68 16.32 -33.80
C THR B 8 7.24 15.52 -35.02
N LEU B 9 6.42 14.49 -34.83
CA LEU B 9 5.98 13.56 -35.90
C LEU B 9 5.06 14.30 -36.88
N SER B 10 4.34 15.32 -36.39
CA SER B 10 3.36 16.12 -37.16
C SER B 10 4.06 17.28 -37.88
N SER B 11 5.26 17.68 -37.42
CA SER B 11 6.04 18.83 -37.96
C SER B 11 6.65 18.49 -39.32
N SER B 12 7.67 17.62 -39.34
CA SER B 12 8.44 17.20 -40.55
C SER B 12 8.30 15.69 -40.76
N PRO B 13 7.09 15.18 -41.08
CA PRO B 13 6.85 13.74 -41.24
C PRO B 13 7.83 12.96 -42.12
N ALA B 14 8.51 13.63 -43.06
CA ALA B 14 9.43 13.04 -44.06
C ALA B 14 10.63 12.35 -43.36
N LEU B 15 11.10 12.92 -42.25
CA LEU B 15 12.38 12.55 -41.58
C LEU B 15 12.15 11.48 -40.48
N TRP B 16 10.98 10.83 -40.46
CA TRP B 16 10.61 9.81 -39.44
C TRP B 16 10.44 8.44 -40.10
N ALA B 17 11.31 7.48 -39.74
CA ALA B 17 11.11 6.04 -39.99
C ALA B 17 10.26 5.46 -38.85
N SER B 18 9.86 4.19 -38.96
CA SER B 18 8.82 3.56 -38.10
C SER B 18 9.14 2.08 -37.87
N ILE B 19 9.08 1.64 -36.61
CA ILE B 19 9.22 0.20 -36.20
C ILE B 19 7.86 -0.30 -35.70
N PRO B 20 7.34 -1.42 -36.23
CA PRO B 20 6.13 -2.03 -35.71
C PRO B 20 6.42 -2.62 -34.31
N CYS B 21 5.61 -2.23 -33.33
CA CYS B 21 5.86 -2.49 -31.89
C CYS B 21 4.63 -2.02 -31.09
N PRO B 22 3.71 -2.93 -30.69
CA PRO B 22 2.53 -2.51 -29.94
C PRO B 22 2.93 -1.82 -28.64
N ARG B 23 2.12 -0.86 -28.19
CA ARG B 23 2.34 -0.06 -26.95
C ARG B 23 2.53 -1.01 -25.77
N SER B 24 1.96 -2.23 -25.86
CA SER B 24 2.02 -3.29 -24.81
C SER B 24 3.44 -3.88 -24.69
N GLU B 25 4.23 -3.84 -25.78
CA GLU B 25 5.61 -4.40 -25.83
C GLU B 25 6.64 -3.35 -25.43
N LEU B 26 6.23 -2.07 -25.33
CA LEU B 26 7.13 -0.95 -24.97
C LEU B 26 6.30 0.33 -24.73
N ARG B 27 6.44 0.94 -23.55
CA ARG B 27 5.90 2.27 -23.21
C ARG B 27 7.07 3.18 -22.83
N LEU B 28 7.52 4.03 -23.77
CA LEU B 28 8.70 4.93 -23.63
C LEU B 28 8.62 5.71 -22.30
N ASP B 29 7.42 6.19 -21.94
CA ASP B 29 7.21 7.06 -20.74
C ASP B 29 7.48 6.27 -19.46
N LEU B 30 7.50 4.93 -19.51
CA LEU B 30 7.79 4.06 -18.33
C LEU B 30 9.23 3.52 -18.38
N VAL B 31 9.93 3.68 -19.51
CA VAL B 31 11.26 3.04 -19.74
C VAL B 31 12.38 4.10 -19.75
N LEU B 32 12.17 5.23 -20.42
CA LEU B 32 13.27 6.15 -20.85
C LEU B 32 13.77 7.01 -19.67
N ALA B 33 12.89 7.36 -18.73
CA ALA B 33 13.23 8.05 -17.46
C ALA B 33 12.64 7.26 -16.29
N SER B 34 13.19 6.07 -16.06
CA SER B 34 12.79 5.13 -14.97
C SER B 34 14.03 4.47 -14.33
N GLY B 35 15.20 5.14 -14.39
CA GLY B 35 16.43 4.73 -13.70
C GLY B 35 17.22 3.65 -14.43
N GLN B 36 17.04 3.50 -15.75
CA GLN B 36 17.92 2.66 -16.60
C GLN B 36 18.93 3.57 -17.29
N SER B 37 18.43 4.42 -18.19
CA SER B 37 19.17 5.50 -18.90
C SER B 37 18.78 6.84 -18.28
N PHE B 38 19.74 7.76 -18.19
CA PHE B 38 19.56 9.13 -17.61
C PHE B 38 19.76 10.18 -18.71
N ARG B 39 19.65 9.76 -19.98
CA ARG B 39 20.10 10.53 -21.18
C ARG B 39 18.93 10.86 -22.12
N TRP B 40 17.69 10.52 -21.74
CA TRP B 40 16.46 10.79 -22.54
C TRP B 40 15.58 11.78 -21.78
N LYS B 41 15.13 12.85 -22.44
CA LYS B 41 14.17 13.85 -21.90
C LYS B 41 12.99 14.00 -22.87
N GLU B 42 11.79 14.24 -22.33
CA GLU B 42 10.53 14.42 -23.10
C GLU B 42 10.37 15.90 -23.48
N GLN B 43 11.22 16.38 -24.41
CA GLN B 43 11.28 17.82 -24.82
C GLN B 43 9.89 18.29 -25.23
N SER B 44 9.17 17.49 -26.02
CA SER B 44 7.76 17.72 -26.45
C SER B 44 6.93 16.50 -26.03
N PRO B 45 5.68 16.68 -25.54
CA PRO B 45 4.84 15.56 -25.12
C PRO B 45 4.81 14.38 -26.11
N ALA B 46 5.16 13.19 -25.62
CA ALA B 46 5.27 11.92 -26.38
C ALA B 46 6.47 11.98 -27.34
N HIS B 47 7.43 12.88 -27.11
CA HIS B 47 8.61 13.11 -27.99
C HIS B 47 9.88 13.17 -27.15
N TRP B 48 10.49 12.00 -26.91
CA TRP B 48 11.70 11.81 -26.07
C TRP B 48 12.95 11.95 -26.95
N SER B 49 13.90 12.78 -26.53
CA SER B 49 15.18 13.02 -27.25
C SER B 49 16.36 12.65 -26.34
N GLY B 50 17.39 12.03 -26.90
CA GLY B 50 18.59 11.55 -26.19
C GLY B 50 19.65 11.04 -27.14
N VAL B 51 20.78 10.58 -26.60
CA VAL B 51 22.01 10.19 -27.35
C VAL B 51 22.25 8.67 -27.22
N LEU B 52 22.47 8.01 -28.37
CA LEU B 52 22.95 6.61 -28.48
C LEU B 52 24.22 6.60 -29.34
N ALA B 53 25.21 5.80 -28.96
CA ALA B 53 26.53 5.68 -29.64
C ALA B 53 27.16 7.08 -29.75
N ASP B 54 27.04 7.73 -30.92
CA ASP B 54 27.52 9.13 -31.14
C ASP B 54 26.54 9.85 -32.07
N GLN B 55 25.23 9.65 -31.85
CA GLN B 55 24.11 10.23 -32.64
C GLN B 55 22.99 10.61 -31.68
N VAL B 56 22.22 11.64 -32.02
CA VAL B 56 21.03 12.11 -31.24
C VAL B 56 19.78 11.55 -31.92
N TRP B 57 18.78 11.13 -31.13
CA TRP B 57 17.48 10.61 -31.60
C TRP B 57 16.35 11.38 -30.90
N THR B 58 15.19 11.48 -31.56
CA THR B 58 13.87 11.73 -30.92
C THR B 58 12.97 10.52 -31.21
N LEU B 59 12.17 10.10 -30.24
CA LEU B 59 11.28 8.93 -30.34
C LEU B 59 9.86 9.32 -29.88
N THR B 60 8.85 8.71 -30.50
CA THR B 60 7.41 8.78 -30.10
C THR B 60 6.75 7.47 -30.55
N GLN B 61 5.53 7.19 -30.07
CA GLN B 61 4.84 5.91 -30.36
C GLN B 61 3.33 6.15 -30.51
N THR B 62 2.66 5.28 -31.27
CA THR B 62 1.19 5.07 -31.27
C THR B 62 0.93 3.69 -30.65
N GLU B 63 -0.34 3.25 -30.66
CA GLU B 63 -0.76 1.97 -30.03
C GLU B 63 -0.07 0.77 -30.72
N ASP B 64 0.48 0.97 -31.92
CA ASP B 64 1.11 -0.14 -32.71
C ASP B 64 2.45 0.27 -33.35
N GLN B 65 2.85 1.55 -33.28
CA GLN B 65 4.07 2.05 -33.99
C GLN B 65 5.02 2.78 -33.02
N LEU B 66 6.30 2.42 -33.06
CA LEU B 66 7.43 3.19 -32.47
C LEU B 66 8.03 4.05 -33.59
N TYR B 67 7.82 5.36 -33.53
CA TYR B 67 8.37 6.34 -34.51
C TYR B 67 9.70 6.86 -33.98
N CYS B 68 10.69 7.02 -34.86
CA CYS B 68 12.05 7.52 -34.52
C CYS B 68 12.58 8.42 -35.64
N THR B 69 13.55 9.26 -35.31
CA THR B 69 14.24 10.22 -36.20
C THR B 69 15.63 10.51 -35.61
N VAL B 70 16.67 10.55 -36.46
CA VAL B 70 18.09 10.63 -36.02
C VAL B 70 18.72 11.93 -36.54
N TYR B 71 19.75 12.41 -35.85
CA TYR B 71 20.52 13.65 -36.13
C TYR B 71 22.01 13.29 -36.13
N ARG B 72 22.67 13.27 -37.30
CA ARG B 72 24.10 12.92 -37.44
C ARG B 72 24.98 14.18 -37.33
N GLY B 73 24.36 15.31 -36.97
CA GLY B 73 25.01 16.63 -36.89
C GLY B 73 24.78 17.43 -38.16
N ASP B 74 25.43 18.60 -38.27
CA ASP B 74 25.54 19.38 -39.53
C ASP B 74 26.50 18.64 -40.48
N ASP B 75 27.22 17.64 -39.94
CA ASP B 75 28.16 16.72 -40.65
C ASP B 75 27.68 16.48 -42.09
N SER B 76 26.57 15.75 -42.26
CA SER B 76 26.03 15.31 -43.58
C SER B 76 24.68 15.98 -43.83
N GLN B 77 24.04 15.66 -44.96
CA GLN B 77 22.70 16.18 -45.36
C GLN B 77 21.62 15.52 -44.50
N VAL B 78 20.63 16.31 -44.08
CA VAL B 78 19.44 15.86 -43.28
C VAL B 78 18.73 14.75 -44.09
N SER B 79 18.37 13.66 -43.42
CA SER B 79 17.68 12.47 -44.00
C SER B 79 17.06 11.63 -42.88
N ARG B 80 16.32 10.57 -43.21
CA ARG B 80 15.62 9.70 -42.23
C ARG B 80 16.56 8.55 -41.82
N PRO B 81 16.26 7.83 -40.71
CA PRO B 81 17.11 6.74 -40.25
C PRO B 81 17.38 5.64 -41.30
N THR B 82 18.60 5.12 -41.35
CA THR B 82 18.99 3.95 -42.19
C THR B 82 18.46 2.67 -41.54
N LEU B 83 18.50 1.56 -42.28
CA LEU B 83 18.21 0.19 -41.79
C LEU B 83 19.11 -0.15 -40.59
N GLU B 84 20.43 0.06 -40.72
CA GLU B 84 21.45 -0.17 -39.65
C GLU B 84 21.05 0.56 -38.37
N GLU B 85 20.72 1.86 -38.49
CA GLU B 85 20.34 2.74 -37.36
C GLU B 85 19.01 2.27 -36.76
N LEU B 86 18.10 1.75 -37.58
CA LEU B 86 16.83 1.13 -37.12
C LEU B 86 17.13 -0.19 -36.41
N GLU B 87 18.13 -0.95 -36.88
CA GLU B 87 18.54 -2.25 -36.29
C GLU B 87 19.23 -1.99 -34.94
N THR B 88 20.04 -0.92 -34.86
CA THR B 88 20.64 -0.41 -33.61
C THR B 88 19.55 -0.14 -32.57
N LEU B 89 18.47 0.52 -32.98
CA LEU B 89 17.35 0.96 -32.10
C LEU B 89 16.52 -0.26 -31.71
N HIS B 90 16.40 -1.24 -32.60
CA HIS B 90 15.71 -2.54 -32.36
C HIS B 90 16.43 -3.28 -31.23
N LYS B 91 17.76 -3.37 -31.29
CA LYS B 91 18.61 -4.10 -30.32
C LYS B 91 18.56 -3.40 -28.95
N TYR B 92 18.65 -2.06 -28.94
CA TYR B 92 18.65 -1.20 -27.71
C TYR B 92 17.41 -1.52 -26.86
N PHE B 93 16.26 -1.75 -27.51
CA PHE B 93 14.96 -2.04 -26.86
C PHE B 93 14.74 -3.56 -26.76
N GLN B 94 15.70 -4.35 -27.24
CA GLN B 94 15.68 -5.84 -27.20
C GLN B 94 14.28 -6.34 -27.59
N LEU B 95 13.81 -5.96 -28.78
CA LEU B 95 12.40 -6.17 -29.22
C LEU B 95 12.19 -7.62 -29.68
N ASP B 96 13.26 -8.40 -29.89
CA ASP B 96 13.21 -9.87 -30.07
C ASP B 96 12.50 -10.52 -28.89
N VAL B 97 12.75 -10.01 -27.68
CA VAL B 97 12.23 -10.57 -26.40
C VAL B 97 10.76 -10.15 -26.26
N SER B 98 9.86 -11.14 -26.19
CA SER B 98 8.40 -10.93 -26.02
C SER B 98 8.12 -10.56 -24.56
N LEU B 99 7.64 -9.34 -24.33
CA LEU B 99 7.22 -8.85 -22.99
C LEU B 99 5.92 -9.56 -22.60
N ALA B 100 5.02 -9.78 -23.58
CA ALA B 100 3.71 -10.46 -23.38
C ALA B 100 3.92 -11.81 -22.70
N GLN B 101 4.90 -12.59 -23.18
CA GLN B 101 5.23 -13.95 -22.67
C GLN B 101 5.85 -13.85 -21.26
N LEU B 102 6.75 -12.89 -21.04
CA LEU B 102 7.46 -12.71 -19.74
C LEU B 102 6.43 -12.32 -18.65
N TYR B 103 5.55 -11.35 -18.94
CA TYR B 103 4.49 -10.88 -18.01
C TYR B 103 3.58 -12.07 -17.66
N SER B 104 3.22 -12.86 -18.68
CA SER B 104 2.38 -14.07 -18.56
C SER B 104 3.01 -15.04 -17.56
N HIS B 105 4.31 -15.32 -17.69
CA HIS B 105 5.06 -16.25 -16.80
C HIS B 105 5.10 -15.67 -15.39
N TRP B 106 5.61 -14.43 -15.25
CA TRP B 106 5.74 -13.75 -13.95
C TRP B 106 4.39 -13.76 -13.23
N ALA B 107 3.30 -13.40 -13.92
CA ALA B 107 1.93 -13.38 -13.36
C ALA B 107 1.54 -14.79 -12.86
N SER B 108 1.91 -15.83 -13.59
CA SER B 108 1.53 -17.24 -13.30
C SER B 108 2.26 -17.76 -12.03
N VAL B 109 3.39 -17.17 -11.65
CA VAL B 109 4.24 -17.67 -10.52
C VAL B 109 4.24 -16.67 -9.36
N ASP B 110 3.69 -15.46 -9.55
CA ASP B 110 3.74 -14.36 -8.56
C ASP B 110 2.42 -13.57 -8.62
N SER B 111 1.58 -13.74 -7.60
CA SER B 111 0.25 -13.11 -7.43
C SER B 111 0.39 -11.60 -7.23
N HIS B 112 1.45 -11.14 -6.57
CA HIS B 112 1.72 -9.69 -6.34
C HIS B 112 1.98 -9.00 -7.68
N PHE B 113 2.86 -9.59 -8.50
CA PHE B 113 3.19 -9.07 -9.86
C PHE B 113 1.90 -8.95 -10.69
N GLN B 114 1.03 -9.96 -10.64
CA GLN B 114 -0.24 -9.98 -11.42
C GLN B 114 -1.02 -8.67 -11.18
N ARG B 115 -1.10 -8.22 -9.91
CA ARG B 115 -1.86 -7.00 -9.52
C ARG B 115 -1.11 -5.75 -9.97
N VAL B 116 0.20 -5.67 -9.71
CA VAL B 116 1.04 -4.47 -9.97
C VAL B 116 1.21 -4.28 -11.49
N ALA B 117 1.43 -5.36 -12.24
CA ALA B 117 1.74 -5.35 -13.69
C ALA B 117 0.62 -4.68 -14.51
N GLN B 118 -0.64 -4.94 -14.15
CA GLN B 118 -1.85 -4.53 -14.91
C GLN B 118 -1.71 -3.10 -15.46
N LYS B 119 -1.33 -2.14 -14.61
CA LYS B 119 -1.29 -0.69 -14.96
C LYS B 119 0.10 -0.28 -15.46
N PHE B 120 1.04 -1.21 -15.58
CA PHE B 120 2.46 -0.93 -15.94
C PHE B 120 2.96 -1.97 -16.95
N GLN B 121 2.27 -2.05 -18.09
CA GLN B 121 2.69 -2.86 -19.26
C GLN B 121 3.71 -2.05 -20.06
N GLY B 122 4.47 -2.73 -20.93
CA GLY B 122 5.48 -2.10 -21.80
C GLY B 122 6.77 -1.78 -21.06
N VAL B 123 6.90 -2.20 -19.80
CA VAL B 123 8.16 -1.99 -19.01
C VAL B 123 9.13 -3.10 -19.38
N ARG B 124 10.05 -2.79 -20.29
CA ARG B 124 11.14 -3.70 -20.71
C ARG B 124 12.46 -3.03 -20.34
N LEU B 125 13.56 -3.71 -20.66
CA LEU B 125 14.92 -3.39 -20.20
C LEU B 125 15.76 -2.96 -21.42
N LEU B 126 16.46 -1.82 -21.32
CA LEU B 126 17.33 -1.33 -22.42
C LEU B 126 18.62 -2.17 -22.39
N ARG B 127 19.27 -2.33 -23.55
CA ARG B 127 20.61 -2.93 -23.69
C ARG B 127 21.59 -1.78 -23.91
N GLN B 128 22.26 -1.33 -22.85
CA GLN B 128 23.10 -0.10 -22.85
C GLN B 128 24.54 -0.48 -23.19
N ASP B 129 25.31 0.48 -23.71
CA ASP B 129 26.78 0.38 -23.87
C ASP B 129 27.38 0.14 -22.49
N PRO B 130 28.21 -0.91 -22.28
CA PRO B 130 28.80 -1.20 -20.98
C PRO B 130 29.40 0.04 -20.28
N THR B 131 30.20 0.83 -20.99
CA THR B 131 30.91 2.02 -20.45
C THR B 131 29.88 3.01 -19.88
N GLU B 132 28.99 3.55 -20.73
CA GLU B 132 27.96 4.54 -20.32
C GLU B 132 27.26 4.05 -19.05
N CYS B 133 26.94 2.75 -19.00
CA CYS B 133 26.18 2.09 -17.90
C CYS B 133 27.04 2.06 -16.63
N LEU B 134 28.25 1.50 -16.71
CA LEU B 134 29.22 1.41 -15.59
C LEU B 134 29.27 2.77 -14.88
N PHE B 135 29.64 3.83 -15.59
CA PHE B 135 29.94 5.17 -15.02
C PHE B 135 28.63 5.87 -14.59
N SER B 136 27.52 5.63 -15.29
CA SER B 136 26.19 6.19 -14.89
C SER B 136 25.78 5.62 -13.53
N PHE B 137 26.09 4.36 -13.23
CA PHE B 137 25.66 3.66 -12.00
C PHE B 137 26.75 3.71 -10.92
N ILE B 138 27.96 4.17 -11.25
CA ILE B 138 28.96 4.62 -10.24
C ILE B 138 28.46 5.94 -9.62
N CYS B 139 27.78 6.77 -10.41
CA CYS B 139 27.22 8.08 -9.96
C CYS B 139 25.89 7.88 -9.21
N SER B 140 25.49 6.62 -8.95
CA SER B 140 24.11 6.27 -8.50
C SER B 140 24.04 6.09 -6.98
N SER B 141 25.15 5.76 -6.33
CA SER B 141 25.28 5.58 -4.85
C SER B 141 24.66 6.77 -4.11
N ASN B 142 23.84 6.50 -3.10
CA ASN B 142 23.17 7.52 -2.24
C ASN B 142 22.64 8.66 -3.11
N ASN B 143 21.88 8.35 -4.16
CA ASN B 143 21.51 9.32 -5.21
C ASN B 143 20.17 8.95 -5.85
N ASN B 144 19.44 9.96 -6.33
CA ASN B 144 18.10 9.79 -6.97
C ASN B 144 18.21 10.13 -8.46
N ILE B 145 17.21 9.71 -9.25
CA ILE B 145 17.21 9.79 -10.75
C ILE B 145 17.50 11.23 -11.20
N ALA B 146 16.68 12.19 -10.77
CA ALA B 146 16.75 13.63 -11.13
C ALA B 146 18.20 14.14 -11.03
N ARG B 147 18.87 13.86 -9.91
CA ARG B 147 20.28 14.27 -9.65
C ARG B 147 21.21 13.53 -10.63
N ILE B 148 21.10 12.19 -10.73
CA ILE B 148 22.00 11.33 -11.56
C ILE B 148 21.97 11.83 -13.01
N THR B 149 20.78 12.20 -13.50
CA THR B 149 20.56 12.82 -14.84
C THR B 149 21.51 14.02 -14.98
N GLY B 150 21.45 14.96 -14.03
CA GLY B 150 22.32 16.15 -13.98
C GLY B 150 23.79 15.78 -13.96
N MET B 151 24.20 14.93 -13.02
CA MET B 151 25.61 14.48 -12.84
C MET B 151 26.15 14.01 -14.19
N VAL B 152 25.44 13.07 -14.83
CA VAL B 152 25.81 12.41 -16.11
C VAL B 152 25.85 13.45 -17.24
N GLU B 153 24.86 14.35 -17.30
CA GLU B 153 24.77 15.44 -18.32
C GLU B 153 26.02 16.33 -18.22
N ARG B 154 26.34 16.80 -17.01
CA ARG B 154 27.51 17.68 -16.74
C ARG B 154 28.81 16.89 -16.99
N LEU B 155 28.85 15.62 -16.59
CA LEU B 155 29.98 14.71 -16.86
C LEU B 155 30.21 14.63 -18.38
N CYS B 156 29.12 14.56 -19.15
CA CYS B 156 29.14 14.38 -20.63
C CYS B 156 29.50 15.70 -21.31
N GLN B 157 28.81 16.80 -20.97
CA GLN B 157 29.13 18.17 -21.46
C GLN B 157 30.64 18.44 -21.34
N ALA B 158 31.23 18.11 -20.19
CA ALA B 158 32.62 18.46 -19.82
C ALA B 158 33.64 17.54 -20.49
N PHE B 159 33.28 16.26 -20.72
CA PHE B 159 34.18 15.22 -21.28
C PHE B 159 33.62 14.62 -22.57
N GLY B 160 32.41 15.02 -22.98
CA GLY B 160 31.68 14.41 -24.10
C GLY B 160 32.05 15.04 -25.44
N PRO B 161 32.41 14.21 -26.45
CA PRO B 161 32.55 14.70 -27.83
C PRO B 161 31.28 15.47 -28.22
N ARG B 162 31.43 16.71 -28.68
CA ARG B 162 30.28 17.58 -29.08
C ARG B 162 29.67 17.00 -30.37
N LEU B 163 28.33 17.05 -30.47
CA LEU B 163 27.56 16.37 -31.55
C LEU B 163 26.72 17.40 -32.32
N ILE B 164 25.79 18.08 -31.64
CA ILE B 164 24.83 19.04 -32.27
C ILE B 164 24.11 19.82 -31.17
N GLN B 165 23.52 20.97 -31.52
CA GLN B 165 22.55 21.72 -30.66
C GLN B 165 21.17 21.68 -31.33
N LEU B 166 20.13 21.41 -30.53
CA LEU B 166 18.71 21.39 -30.96
C LEU B 166 17.91 22.27 -29.99
N ASP B 167 17.49 23.47 -30.43
CA ASP B 167 16.93 24.54 -29.58
C ASP B 167 18.00 24.96 -28.56
N ASP B 168 17.63 25.20 -27.29
CA ASP B 168 18.55 25.60 -26.20
C ASP B 168 19.54 24.46 -25.90
N VAL B 169 19.05 23.21 -26.01
CA VAL B 169 19.78 21.98 -25.58
C VAL B 169 20.95 21.72 -26.54
N THR B 170 22.16 21.53 -25.98
CA THR B 170 23.37 21.05 -26.68
C THR B 170 23.65 19.63 -26.20
N TYR B 171 23.88 18.70 -27.14
CA TYR B 171 24.04 17.24 -26.89
C TYR B 171 25.52 16.84 -27.03
N HIS B 172 25.93 15.82 -26.28
CA HIS B 172 27.31 15.29 -26.18
C HIS B 172 27.30 13.76 -26.14
N GLY B 173 28.24 13.13 -26.83
CA GLY B 173 28.48 11.67 -26.76
C GLY B 173 29.07 11.31 -25.42
N PHE B 174 28.94 10.06 -24.97
CA PHE B 174 29.50 9.59 -23.68
C PHE B 174 31.02 9.55 -23.81
N PRO B 175 31.77 9.97 -22.76
CA PRO B 175 33.23 9.90 -22.77
C PRO B 175 33.75 8.47 -22.94
N ASN B 176 34.96 8.34 -23.47
CA ASN B 176 35.75 7.08 -23.51
C ASN B 176 36.55 6.98 -22.21
N LEU B 177 37.28 5.89 -22.01
CA LEU B 177 38.10 5.65 -20.78
C LEU B 177 39.20 6.71 -20.68
N HIS B 178 40.04 6.84 -21.71
CA HIS B 178 41.21 7.76 -21.78
C HIS B 178 40.82 9.14 -21.23
N ALA B 179 39.70 9.69 -21.68
CA ALA B 179 39.17 11.02 -21.28
C ALA B 179 38.88 11.06 -19.77
N LEU B 180 38.33 9.97 -19.21
CA LEU B 180 37.87 9.89 -17.80
C LEU B 180 39.02 9.47 -16.88
N ALA B 181 40.12 8.93 -17.42
CA ALA B 181 41.31 8.46 -16.67
C ALA B 181 42.39 9.55 -16.67
N GLY B 182 42.01 10.82 -16.85
CA GLY B 182 42.94 11.97 -16.91
C GLY B 182 43.33 12.44 -15.51
N PRO B 183 44.55 13.00 -15.33
CA PRO B 183 45.04 13.38 -14.00
C PRO B 183 44.16 14.41 -13.28
N GLU B 184 43.60 15.37 -14.01
CA GLU B 184 42.78 16.49 -13.45
C GLU B 184 41.29 16.20 -13.66
N ALA B 185 40.92 14.92 -13.88
CA ALA B 185 39.54 14.49 -14.18
C ALA B 185 38.69 14.51 -12.91
N GLU B 186 39.24 14.06 -11.78
CA GLU B 186 38.54 14.00 -10.47
C GLU B 186 38.11 15.43 -10.08
N THR B 187 39.06 16.37 -10.08
CA THR B 187 38.85 17.80 -9.67
C THR B 187 37.69 18.41 -10.48
N HIS B 188 37.68 18.18 -11.80
CA HIS B 188 36.64 18.64 -12.74
C HIS B 188 35.29 18.03 -12.32
N LEU B 189 35.24 16.72 -12.13
CA LEU B 189 34.01 15.95 -11.76
C LEU B 189 33.52 16.38 -10.37
N ARG B 190 34.44 16.71 -9.45
CA ARG B 190 34.12 17.24 -8.09
C ARG B 190 33.56 18.67 -8.22
N LYS B 191 34.04 19.44 -9.19
CA LYS B 191 33.56 20.81 -9.48
C LYS B 191 32.16 20.75 -10.12
N LEU B 192 31.78 19.60 -10.69
CA LEU B 192 30.45 19.37 -11.32
C LEU B 192 29.49 18.71 -10.31
N GLY B 193 29.94 18.48 -9.07
CA GLY B 193 29.08 18.13 -7.92
C GLY B 193 28.83 16.63 -7.79
N LEU B 194 29.79 15.80 -8.21
CA LEU B 194 29.69 14.32 -8.12
C LEU B 194 30.21 13.85 -6.75
N GLY B 195 30.99 14.69 -6.06
CA GLY B 195 31.54 14.38 -4.72
C GLY B 195 32.50 13.21 -4.76
N TYR B 196 32.32 12.25 -3.84
CA TYR B 196 33.18 11.04 -3.67
C TYR B 196 33.17 10.19 -4.95
N ARG B 197 32.07 10.24 -5.71
CA ARG B 197 31.85 9.43 -6.95
C ARG B 197 32.97 9.73 -7.96
N ALA B 198 33.39 11.00 -8.05
CA ALA B 198 34.51 11.49 -8.89
C ALA B 198 35.75 10.60 -8.67
N ARG B 199 36.06 10.25 -7.43
CA ARG B 199 37.19 9.33 -7.07
C ARG B 199 37.01 8.02 -7.86
N TYR B 200 35.79 7.46 -7.80
CA TYR B 200 35.43 6.11 -8.30
C TYR B 200 35.47 6.11 -9.84
N VAL B 201 34.86 7.12 -10.48
CA VAL B 201 34.87 7.30 -11.97
C VAL B 201 36.32 7.23 -12.47
N ARG B 202 37.17 8.19 -12.07
CA ARG B 202 38.58 8.28 -12.52
C ARG B 202 39.31 6.96 -12.24
N ALA B 203 39.23 6.47 -11.01
CA ALA B 203 39.96 5.27 -10.52
C ALA B 203 39.60 4.05 -11.39
N SER B 204 38.30 3.81 -11.60
CA SER B 204 37.77 2.69 -12.42
C SER B 204 38.22 2.85 -13.88
N ALA B 205 37.98 4.03 -14.47
CA ALA B 205 38.39 4.40 -15.84
C ALA B 205 39.88 4.05 -16.02
N LYS B 206 40.72 4.49 -15.08
CA LYS B 206 42.18 4.23 -15.09
C LYS B 206 42.44 2.73 -14.91
N ALA B 207 41.77 2.11 -13.93
CA ALA B 207 41.97 0.69 -13.53
C ALA B 207 41.72 -0.23 -14.73
N ILE B 208 40.62 -0.02 -15.47
CA ILE B 208 40.23 -0.84 -16.65
C ILE B 208 41.35 -0.77 -17.70
N LEU B 209 41.73 0.45 -18.12
CA LEU B 209 42.75 0.71 -19.17
C LEU B 209 44.04 -0.08 -18.91
N GLU B 210 44.56 -0.02 -17.68
CA GLU B 210 45.95 -0.40 -17.32
C GLU B 210 46.02 -1.87 -16.87
N GLU B 211 45.17 -2.27 -15.92
CA GLU B 211 45.21 -3.61 -15.28
C GLU B 211 44.47 -4.65 -16.14
N GLN B 212 43.38 -4.26 -16.80
CA GLN B 212 42.41 -5.19 -17.43
C GLN B 212 42.49 -5.14 -18.97
N GLY B 213 43.06 -4.06 -19.54
CA GLY B 213 43.44 -3.98 -20.96
C GLY B 213 42.35 -3.42 -21.86
N GLY B 214 42.01 -2.14 -21.70
CA GLY B 214 41.16 -1.36 -22.64
C GLY B 214 39.67 -1.65 -22.47
N PRO B 215 38.79 -0.98 -23.25
CA PRO B 215 37.34 -1.23 -23.20
C PRO B 215 36.94 -2.64 -23.67
N ALA B 216 37.84 -3.34 -24.37
CA ALA B 216 37.68 -4.77 -24.77
C ALA B 216 37.19 -5.59 -23.56
N TRP B 217 37.83 -5.40 -22.41
CA TRP B 217 37.57 -6.13 -21.13
C TRP B 217 36.07 -6.17 -20.84
N LEU B 218 35.37 -5.05 -21.04
CA LEU B 218 33.91 -4.93 -20.73
C LEU B 218 33.09 -5.80 -21.68
N GLN B 219 33.47 -5.88 -22.95
CA GLN B 219 32.81 -6.76 -23.96
C GLN B 219 32.99 -8.22 -23.57
N GLN B 220 34.15 -8.59 -22.99
CA GLN B 220 34.49 -9.98 -22.59
C GLN B 220 33.55 -10.47 -21.47
N LEU B 221 32.88 -9.55 -20.76
CA LEU B 221 31.95 -9.84 -19.65
C LEU B 221 30.54 -10.08 -20.20
N ARG B 222 30.22 -9.48 -21.34
CA ARG B 222 28.93 -9.66 -22.07
C ARG B 222 28.88 -11.10 -22.60
N VAL B 223 30.05 -11.66 -22.91
CA VAL B 223 30.24 -13.07 -23.36
C VAL B 223 30.29 -13.97 -22.12
N ALA B 224 31.00 -13.53 -21.07
CA ALA B 224 31.26 -14.30 -19.83
C ALA B 224 29.96 -14.57 -19.09
N PRO B 225 29.91 -15.61 -18.22
CA PRO B 225 28.72 -15.91 -17.44
C PRO B 225 28.49 -14.83 -16.36
N TYR B 226 27.27 -14.75 -15.85
CA TYR B 226 26.82 -13.80 -14.79
C TYR B 226 27.81 -13.76 -13.64
N GLU B 227 28.17 -14.93 -13.09
CA GLU B 227 28.95 -15.07 -11.82
C GLU B 227 30.35 -14.46 -12.00
N GLU B 228 31.00 -14.73 -13.13
CA GLU B 228 32.36 -14.21 -13.48
C GLU B 228 32.26 -12.70 -13.74
N ALA B 229 31.26 -12.30 -14.52
CA ALA B 229 30.94 -10.89 -14.87
C ALA B 229 30.77 -10.06 -13.58
N HIS B 230 29.93 -10.53 -12.65
CA HIS B 230 29.60 -9.81 -11.39
C HIS B 230 30.85 -9.67 -10.50
N LYS B 231 31.65 -10.73 -10.39
CA LYS B 231 32.90 -10.74 -9.57
C LYS B 231 33.89 -9.74 -10.17
N ALA B 232 34.07 -9.78 -11.50
CA ALA B 232 35.00 -8.91 -12.26
C ALA B 232 34.71 -7.43 -11.94
N LEU B 233 33.43 -7.03 -11.97
CA LEU B 233 33.00 -5.61 -11.80
C LEU B 233 33.26 -5.13 -10.36
N CYS B 234 33.08 -6.00 -9.36
CA CYS B 234 33.21 -5.67 -7.91
C CYS B 234 34.66 -5.29 -7.57
N THR B 235 35.63 -5.79 -8.35
CA THR B 235 37.08 -5.46 -8.21
C THR B 235 37.36 -4.00 -8.63
N LEU B 236 36.37 -3.30 -9.19
CA LEU B 236 36.52 -1.88 -9.62
C LEU B 236 36.20 -0.94 -8.46
N PRO B 237 36.97 0.17 -8.31
CA PRO B 237 36.65 1.23 -7.37
C PRO B 237 35.20 1.77 -7.46
N GLY B 238 34.48 1.79 -6.33
CA GLY B 238 33.11 2.31 -6.24
C GLY B 238 32.11 1.45 -6.98
N VAL B 239 32.46 0.18 -7.20
CA VAL B 239 31.54 -0.86 -7.73
C VAL B 239 31.45 -1.96 -6.67
N GLY B 240 30.32 -2.00 -5.95
CA GLY B 240 29.93 -3.09 -5.05
C GLY B 240 28.84 -3.94 -5.68
N ALA B 241 28.35 -4.95 -4.94
CA ALA B 241 27.41 -5.99 -5.40
C ALA B 241 26.25 -5.39 -6.22
N LYS B 242 25.68 -4.28 -5.78
CA LYS B 242 24.46 -3.68 -6.38
C LYS B 242 24.76 -3.07 -7.75
N VAL B 243 25.80 -2.24 -7.83
CA VAL B 243 26.18 -1.52 -9.09
C VAL B 243 26.59 -2.57 -10.12
N ALA B 244 27.31 -3.61 -9.70
CA ALA B 244 27.74 -4.74 -10.55
C ALA B 244 26.51 -5.41 -11.17
N ASP B 245 25.48 -5.68 -10.37
CA ASP B 245 24.23 -6.36 -10.79
C ASP B 245 23.47 -5.46 -11.78
N CYS B 246 23.44 -4.15 -11.51
CA CYS B 246 22.85 -3.11 -12.40
C CYS B 246 23.47 -3.24 -13.80
N ILE B 247 24.80 -3.17 -13.87
CA ILE B 247 25.61 -3.24 -15.12
C ILE B 247 25.33 -4.57 -15.82
N CYS B 248 25.42 -5.68 -15.08
CA CYS B 248 25.15 -7.07 -15.57
C CYS B 248 23.79 -7.14 -16.24
N LEU B 249 22.77 -6.60 -15.59
CA LEU B 249 21.35 -6.67 -16.04
C LEU B 249 21.16 -5.83 -17.32
N MET B 250 21.70 -4.61 -17.33
CA MET B 250 21.28 -3.52 -18.25
C MET B 250 22.28 -3.32 -19.39
N ALA B 251 23.47 -3.92 -19.30
CA ALA B 251 24.55 -3.73 -20.30
C ALA B 251 25.27 -5.05 -20.66
N LEU B 252 25.25 -6.08 -19.81
CA LEU B 252 26.08 -7.30 -20.02
C LEU B 252 25.22 -8.52 -20.39
N ASP B 253 23.92 -8.31 -20.67
CA ASP B 253 23.01 -9.40 -21.13
C ASP B 253 22.99 -10.55 -20.11
N LYS B 254 22.82 -10.22 -18.82
CA LYS B 254 22.47 -11.16 -17.73
C LYS B 254 21.08 -10.80 -17.22
N PRO B 255 19.98 -11.31 -17.85
CA PRO B 255 18.62 -11.03 -17.39
C PRO B 255 18.31 -11.49 -15.95
N GLN B 256 19.07 -12.44 -15.41
CA GLN B 256 18.84 -13.07 -14.08
C GLN B 256 19.40 -12.17 -12.98
N ALA B 257 20.24 -11.20 -13.34
CA ALA B 257 20.86 -10.23 -12.40
C ALA B 257 19.76 -9.40 -11.72
N VAL B 258 19.79 -9.35 -10.39
CA VAL B 258 18.81 -8.61 -9.54
C VAL B 258 19.58 -7.74 -8.55
N PRO B 259 19.82 -6.44 -8.83
CA PRO B 259 20.51 -5.58 -7.87
C PRO B 259 19.68 -5.50 -6.59
N VAL B 260 20.33 -5.61 -5.43
CA VAL B 260 19.68 -5.56 -4.10
C VAL B 260 20.24 -4.39 -3.29
N ASP B 261 19.36 -3.50 -2.84
CA ASP B 261 19.66 -2.41 -1.87
C ASP B 261 18.57 -2.37 -0.80
N VAL B 262 18.59 -1.34 0.05
CA VAL B 262 17.68 -1.21 1.22
C VAL B 262 16.22 -1.09 0.73
N HIS B 263 15.99 -0.51 -0.45
CA HIS B 263 14.64 -0.35 -1.06
C HIS B 263 14.07 -1.71 -1.45
N VAL B 264 14.85 -2.54 -2.16
CA VAL B 264 14.45 -3.92 -2.58
C VAL B 264 14.12 -4.74 -1.33
N TRP B 265 14.92 -4.57 -0.28
CA TRP B 265 14.72 -5.17 1.06
C TRP B 265 13.29 -4.92 1.55
N GLN B 266 12.84 -3.66 1.52
CA GLN B 266 11.55 -3.19 2.08
C GLN B 266 10.39 -3.78 1.26
N ILE B 267 10.48 -3.72 -0.07
CA ILE B 267 9.50 -4.33 -1.02
C ILE B 267 9.42 -5.84 -0.73
N ALA B 268 10.57 -6.51 -0.75
CA ALA B 268 10.70 -7.97 -0.50
C ALA B 268 10.00 -8.31 0.82
N HIS B 269 10.28 -7.56 1.88
CA HIS B 269 9.72 -7.77 3.23
C HIS B 269 8.20 -7.52 3.22
N ARG B 270 7.77 -6.34 2.75
CA ARG B 270 6.34 -5.92 2.76
C ARG B 270 5.52 -6.89 1.89
N ASP B 271 5.88 -7.03 0.62
CA ASP B 271 5.00 -7.58 -0.45
C ASP B 271 5.22 -9.09 -0.63
N TYR B 272 6.34 -9.64 -0.18
CA TYR B 272 6.66 -11.09 -0.29
C TYR B 272 6.87 -11.73 1.08
N GLY B 273 6.86 -10.94 2.16
CA GLY B 273 7.06 -11.43 3.54
C GLY B 273 8.43 -12.03 3.75
N TRP B 274 9.43 -11.52 3.03
CA TRP B 274 10.82 -12.05 3.03
C TRP B 274 11.60 -11.56 4.25
N HIS B 275 12.16 -12.50 5.00
CA HIS B 275 13.21 -12.28 6.03
C HIS B 275 14.41 -13.15 5.68
N PRO B 276 15.66 -12.70 5.94
CA PRO B 276 16.83 -13.55 5.76
C PRO B 276 16.81 -14.74 6.73
N LYS B 277 17.26 -15.93 6.29
CA LYS B 277 17.46 -17.12 7.15
C LYS B 277 18.88 -17.08 7.72
N THR B 278 19.34 -15.90 8.12
CA THR B 278 20.74 -15.60 8.56
C THR B 278 20.68 -14.91 9.94
N SER B 279 21.84 -14.73 10.58
CA SER B 279 22.01 -13.94 11.84
C SER B 279 21.96 -12.45 11.51
N SER B 285 25.03 -7.89 6.00
CA SER B 285 24.01 -7.94 4.92
C SER B 285 24.56 -8.50 3.60
N PRO B 286 25.87 -8.39 3.25
CA PRO B 286 26.35 -8.88 1.96
C PRO B 286 25.83 -10.28 1.59
N LEU B 287 25.92 -11.25 2.52
CA LEU B 287 25.42 -12.64 2.34
C LEU B 287 23.88 -12.62 2.22
N ALA B 288 23.22 -11.73 2.97
CA ALA B 288 21.75 -11.55 2.98
C ALA B 288 21.27 -10.90 1.67
N ASN B 289 22.01 -9.90 1.17
CA ASN B 289 21.75 -9.26 -0.16
C ASN B 289 21.74 -10.34 -1.24
N LYS B 290 22.75 -11.21 -1.24
CA LYS B 290 22.93 -12.30 -2.23
C LYS B 290 21.74 -13.27 -2.13
N GLU B 291 21.31 -13.60 -0.91
CA GLU B 291 20.18 -14.53 -0.65
C GLU B 291 18.89 -13.95 -1.26
N LEU B 292 18.67 -12.64 -1.11
CA LEU B 292 17.47 -11.96 -1.65
C LEU B 292 17.48 -12.01 -3.18
N GLY B 293 18.67 -11.91 -3.80
CA GLY B 293 18.85 -12.04 -5.26
C GLY B 293 18.41 -13.40 -5.75
N ASN B 294 18.82 -14.46 -5.06
CA ASN B 294 18.47 -15.87 -5.39
C ASN B 294 16.97 -16.11 -5.20
N PHE B 295 16.36 -15.47 -4.20
CA PHE B 295 14.91 -15.58 -3.92
C PHE B 295 14.13 -15.14 -5.17
N PHE B 296 14.42 -13.95 -5.70
CA PHE B 296 13.73 -13.38 -6.89
C PHE B 296 14.05 -14.21 -8.15
N ARG B 297 15.28 -14.68 -8.30
CA ARG B 297 15.67 -15.63 -9.38
C ARG B 297 14.84 -16.91 -9.26
N ASN B 298 14.70 -17.46 -8.04
CA ASN B 298 13.94 -18.71 -7.77
C ASN B 298 12.44 -18.48 -8.02
N LEU B 299 11.92 -17.29 -7.70
CA LEU B 299 10.48 -16.95 -7.87
C LEU B 299 10.19 -16.65 -9.34
N TRP B 300 10.92 -15.72 -9.95
CA TRP B 300 10.61 -15.14 -11.28
C TRP B 300 11.23 -15.99 -12.40
N GLY B 301 12.43 -16.53 -12.19
CA GLY B 301 13.15 -17.34 -13.17
C GLY B 301 14.32 -16.58 -13.81
N PRO B 302 14.74 -16.96 -15.03
CA PRO B 302 16.00 -16.47 -15.61
C PRO B 302 15.96 -15.02 -16.12
N TYR B 303 14.77 -14.40 -16.17
CA TYR B 303 14.59 -12.96 -16.50
C TYR B 303 14.10 -12.19 -15.25
N ALA B 304 14.63 -12.52 -14.07
CA ALA B 304 14.23 -11.95 -12.76
C ALA B 304 14.47 -10.44 -12.71
N GLY B 305 15.58 -9.97 -13.32
CA GLY B 305 15.94 -8.55 -13.40
C GLY B 305 14.90 -7.72 -14.14
N TRP B 306 14.31 -8.29 -15.20
CA TRP B 306 13.28 -7.62 -16.04
C TRP B 306 12.00 -7.49 -15.22
N ALA B 307 11.59 -8.58 -14.55
CA ALA B 307 10.47 -8.60 -13.59
C ALA B 307 10.70 -7.48 -12.57
N GLN B 308 11.89 -7.42 -11.96
CA GLN B 308 12.24 -6.37 -10.98
C GLN B 308 12.00 -4.98 -11.61
N ALA B 309 12.42 -4.76 -12.86
CA ALA B 309 12.27 -3.49 -13.60
C ALA B 309 10.80 -3.07 -13.67
N VAL B 310 9.88 -4.04 -13.84
CA VAL B 310 8.42 -3.77 -13.91
C VAL B 310 7.96 -3.18 -12.56
N LEU B 311 8.41 -3.77 -11.45
CA LEU B 311 8.02 -3.38 -10.06
C LEU B 311 8.66 -2.04 -9.68
N PHE B 312 9.94 -1.84 -10.04
CA PHE B 312 10.68 -0.58 -9.79
C PHE B 312 9.98 0.58 -10.51
N SER B 313 9.67 0.39 -11.79
CA SER B 313 9.02 1.41 -12.66
C SER B 313 7.58 1.64 -12.22
N ALA B 314 6.95 0.66 -11.56
CA ALA B 314 5.61 0.76 -10.95
C ALA B 314 5.70 1.54 -9.63
N ASP B 315 6.65 1.18 -8.76
CA ASP B 315 6.83 1.73 -7.39
C ASP B 315 7.50 3.11 -7.46
N LEU B 316 7.41 3.79 -8.61
CA LEU B 316 7.93 5.17 -8.84
C LEU B 316 6.87 6.02 -9.55
N ARG B 317 5.59 5.61 -9.51
CA ARG B 317 4.46 6.29 -10.18
C ARG B 317 3.25 6.35 -9.23
N GLY C 1 -41.85 -27.25 -24.62
CA GLY C 1 -42.65 -26.04 -24.23
C GLY C 1 -41.97 -24.76 -24.70
N SER C 2 -42.45 -23.62 -24.18
CA SER C 2 -41.96 -22.26 -24.49
C SER C 2 -40.48 -22.11 -24.11
N HIS C 3 -39.68 -21.46 -24.97
CA HIS C 3 -38.27 -21.07 -24.69
C HIS C 3 -38.23 -20.08 -23.51
N MET C 4 -37.58 -20.48 -22.42
CA MET C 4 -37.45 -19.67 -21.18
C MET C 4 -36.12 -18.90 -21.22
N ARG C 5 -36.14 -17.64 -20.76
CA ARG C 5 -34.95 -16.75 -20.75
C ARG C 5 -34.55 -16.47 -19.30
N HIS C 6 -33.31 -16.02 -19.10
CA HIS C 6 -32.82 -15.39 -17.85
C HIS C 6 -33.66 -14.13 -17.59
N ARG C 7 -34.33 -14.09 -16.44
CA ARG C 7 -35.22 -12.97 -16.01
C ARG C 7 -34.36 -11.83 -15.45
N THR C 8 -34.59 -10.60 -15.94
CA THR C 8 -34.13 -9.33 -15.33
C THR C 8 -35.33 -8.66 -14.64
N LEU C 9 -35.12 -7.49 -14.03
CA LEU C 9 -36.12 -6.74 -13.22
C LEU C 9 -37.30 -6.29 -14.10
N SER C 10 -37.00 -5.72 -15.27
CA SER C 10 -37.97 -5.23 -16.27
C SER C 10 -38.68 -6.41 -16.95
N SER C 11 -37.95 -7.50 -17.19
CA SER C 11 -38.40 -8.69 -17.97
C SER C 11 -39.58 -9.40 -17.29
N SER C 12 -39.52 -9.62 -15.97
CA SER C 12 -40.39 -10.58 -15.25
C SER C 12 -40.98 -9.98 -13.96
N PRO C 13 -41.59 -8.77 -14.03
CA PRO C 13 -41.94 -7.99 -12.83
C PRO C 13 -42.83 -8.73 -11.82
N ALA C 14 -43.67 -9.65 -12.29
CA ALA C 14 -44.65 -10.41 -11.47
C ALA C 14 -44.03 -11.72 -10.96
N LEU C 15 -42.84 -12.09 -11.47
CA LEU C 15 -42.15 -13.38 -11.16
C LEU C 15 -41.01 -13.17 -10.16
N TRP C 16 -40.95 -11.99 -9.51
CA TRP C 16 -39.94 -11.64 -8.48
C TRP C 16 -40.62 -11.49 -7.11
N ALA C 17 -40.27 -12.35 -6.15
CA ALA C 17 -40.55 -12.15 -4.70
C ALA C 17 -39.41 -11.31 -4.11
N SER C 18 -39.67 -10.59 -3.02
CA SER C 18 -38.68 -9.70 -2.34
C SER C 18 -38.57 -10.07 -0.86
N ILE C 19 -37.32 -10.20 -0.39
CA ILE C 19 -36.96 -10.31 1.06
C ILE C 19 -36.28 -8.99 1.45
N PRO C 20 -36.81 -8.24 2.44
CA PRO C 20 -36.16 -7.01 2.90
C PRO C 20 -34.78 -7.31 3.48
N CYS C 21 -33.74 -7.09 2.67
CA CYS C 21 -32.31 -7.32 3.01
C CYS C 21 -31.54 -6.03 2.75
N PRO C 22 -31.06 -5.33 3.81
CA PRO C 22 -30.27 -4.11 3.62
C PRO C 22 -28.97 -4.41 2.85
N ARG C 23 -28.68 -3.63 1.80
CA ARG C 23 -27.44 -3.76 0.98
C ARG C 23 -26.21 -3.76 1.89
N SER C 24 -26.31 -3.16 3.08
CA SER C 24 -25.25 -3.13 4.12
C SER C 24 -25.14 -4.48 4.84
N GLU C 25 -26.18 -5.31 4.78
CA GLU C 25 -26.19 -6.69 5.36
C GLU C 25 -25.83 -7.73 4.29
N LEU C 26 -25.92 -7.37 3.01
CA LEU C 26 -25.62 -8.28 1.87
C LEU C 26 -25.39 -7.49 0.58
N ARG C 27 -24.14 -7.46 0.11
CA ARG C 27 -23.76 -7.03 -1.27
C ARG C 27 -23.47 -8.29 -2.08
N LEU C 28 -24.41 -8.65 -2.97
CA LEU C 28 -24.41 -9.91 -3.75
C LEU C 28 -23.17 -9.98 -4.63
N ASP C 29 -22.71 -8.84 -5.16
CA ASP C 29 -21.55 -8.79 -6.08
C ASP C 29 -20.22 -8.90 -5.30
N LEU C 30 -20.27 -9.14 -3.99
CA LEU C 30 -19.07 -9.37 -3.13
C LEU C 30 -19.11 -10.76 -2.47
N VAL C 31 -20.19 -11.54 -2.65
CA VAL C 31 -20.37 -12.87 -2.01
C VAL C 31 -20.39 -13.98 -3.06
N LEU C 32 -21.17 -13.81 -4.14
CA LEU C 32 -21.61 -14.90 -5.03
C LEU C 32 -20.47 -15.38 -5.94
N ALA C 33 -19.48 -14.54 -6.22
CA ALA C 33 -18.32 -14.86 -7.11
C ALA C 33 -16.99 -14.48 -6.44
N SER C 34 -16.89 -14.67 -5.12
CA SER C 34 -15.71 -14.32 -4.28
C SER C 34 -15.09 -15.58 -3.65
N GLY C 35 -14.99 -16.67 -4.41
CA GLY C 35 -14.34 -17.92 -4.01
C GLY C 35 -15.02 -18.62 -2.85
N GLN C 36 -16.33 -18.41 -2.66
CA GLN C 36 -17.15 -19.13 -1.65
C GLN C 36 -17.93 -20.24 -2.37
N SER C 37 -18.90 -19.85 -3.20
CA SER C 37 -19.61 -20.72 -4.18
C SER C 37 -19.11 -20.35 -5.57
N PHE C 38 -19.04 -21.33 -6.47
CA PHE C 38 -18.50 -21.17 -7.85
C PHE C 38 -19.62 -21.33 -8.89
N ARG C 39 -20.88 -21.32 -8.44
CA ARG C 39 -22.07 -21.74 -9.24
C ARG C 39 -22.96 -20.56 -9.59
N TRP C 40 -22.56 -19.33 -9.23
CA TRP C 40 -23.33 -18.07 -9.45
C TRP C 40 -22.65 -17.25 -10.55
N LYS C 41 -23.42 -16.78 -11.53
CA LYS C 41 -22.89 -16.02 -12.70
C LYS C 41 -23.79 -14.81 -12.98
N GLU C 42 -23.18 -13.70 -13.40
CA GLU C 42 -23.85 -12.42 -13.71
C GLU C 42 -24.26 -12.45 -15.19
N GLN C 43 -25.30 -13.23 -15.52
CA GLN C 43 -25.74 -13.50 -16.92
C GLN C 43 -26.18 -12.19 -17.58
N SER C 44 -26.86 -11.31 -16.83
CA SER C 44 -27.10 -9.89 -17.21
C SER C 44 -26.60 -8.98 -16.09
N PRO C 45 -26.25 -7.70 -16.39
CA PRO C 45 -25.75 -6.77 -15.38
C PRO C 45 -26.62 -6.62 -14.12
N ALA C 46 -26.02 -6.87 -12.95
CA ALA C 46 -26.60 -6.77 -11.60
C ALA C 46 -27.47 -7.98 -11.27
N HIS C 47 -27.53 -8.98 -12.16
CA HIS C 47 -28.44 -10.15 -12.06
C HIS C 47 -27.63 -11.46 -11.95
N TRP C 48 -27.83 -12.20 -10.85
CA TRP C 48 -27.02 -13.40 -10.47
C TRP C 48 -27.89 -14.66 -10.57
N SER C 49 -27.53 -15.57 -11.48
CA SER C 49 -28.23 -16.86 -11.73
C SER C 49 -27.35 -18.04 -11.29
N GLY C 50 -27.93 -19.03 -10.60
CA GLY C 50 -27.22 -20.23 -10.13
C GLY C 50 -28.16 -21.23 -9.47
N VAL C 51 -27.66 -22.44 -9.21
CA VAL C 51 -28.45 -23.60 -8.69
C VAL C 51 -28.38 -23.62 -7.16
N LEU C 52 -29.50 -23.96 -6.50
CA LEU C 52 -29.60 -24.29 -5.06
C LEU C 52 -30.42 -25.57 -4.92
N ALA C 53 -29.86 -26.60 -4.27
CA ALA C 53 -30.41 -27.97 -4.22
C ALA C 53 -30.62 -28.45 -5.67
N ASP C 54 -31.88 -28.53 -6.14
CA ASP C 54 -32.23 -28.91 -7.54
C ASP C 54 -33.28 -27.92 -8.06
N GLN C 55 -32.95 -26.63 -8.01
CA GLN C 55 -33.75 -25.51 -8.58
C GLN C 55 -32.82 -24.36 -8.97
N VAL C 56 -33.00 -23.79 -10.17
CA VAL C 56 -32.25 -22.58 -10.65
C VAL C 56 -32.92 -21.34 -10.05
N TRP C 57 -32.11 -20.38 -9.62
CA TRP C 57 -32.55 -19.06 -9.10
C TRP C 57 -31.93 -17.95 -9.95
N THR C 58 -32.55 -16.77 -9.98
CA THR C 58 -31.87 -15.49 -10.30
C THR C 58 -32.13 -14.53 -9.13
N LEU C 59 -31.11 -13.73 -8.79
CA LEU C 59 -31.13 -12.76 -7.66
C LEU C 59 -30.64 -11.39 -8.18
N THR C 60 -31.15 -10.32 -7.59
CA THR C 60 -30.56 -8.96 -7.66
C THR C 60 -31.13 -8.14 -6.49
N GLN C 61 -30.66 -6.91 -6.30
CA GLN C 61 -30.95 -6.12 -5.08
C GLN C 61 -30.98 -4.62 -5.38
N THR C 62 -31.68 -3.87 -4.53
CA THR C 62 -31.66 -2.38 -4.42
C THR C 62 -30.88 -2.03 -3.14
N GLU C 63 -31.36 -1.06 -2.36
CA GLU C 63 -30.73 -0.62 -1.08
C GLU C 63 -31.40 -1.35 0.10
N ASP C 64 -32.72 -1.57 0.04
CA ASP C 64 -33.54 -2.14 1.13
C ASP C 64 -33.95 -3.59 0.82
N GLN C 65 -34.09 -3.92 -0.48
CA GLN C 65 -34.79 -5.16 -0.94
C GLN C 65 -33.81 -6.09 -1.67
N LEU C 66 -33.79 -7.37 -1.27
CA LEU C 66 -33.19 -8.50 -2.02
C LEU C 66 -34.29 -9.12 -2.91
N TYR C 67 -34.21 -8.87 -4.22
CA TYR C 67 -35.16 -9.41 -5.24
C TYR C 67 -34.64 -10.77 -5.72
N CYS C 68 -35.54 -11.74 -5.83
CA CYS C 68 -35.23 -13.15 -6.20
C CYS C 68 -36.35 -13.76 -7.04
N THR C 69 -36.00 -14.66 -7.96
CA THR C 69 -36.94 -15.43 -8.82
C THR C 69 -36.46 -16.87 -8.93
N VAL C 70 -37.39 -17.80 -9.15
CA VAL C 70 -37.15 -19.28 -9.18
C VAL C 70 -37.60 -19.83 -10.53
N TYR C 71 -36.75 -20.62 -11.19
CA TYR C 71 -37.08 -21.42 -12.40
C TYR C 71 -37.29 -22.87 -11.95
N ARG C 72 -38.47 -23.16 -11.41
CA ARG C 72 -38.86 -24.50 -10.88
C ARG C 72 -38.69 -25.52 -12.01
N GLY C 73 -39.19 -25.18 -13.21
CA GLY C 73 -39.02 -25.96 -14.44
C GLY C 73 -39.98 -25.50 -15.53
N ASP C 74 -39.86 -26.07 -16.73
CA ASP C 74 -40.84 -25.92 -17.84
C ASP C 74 -42.14 -26.63 -17.45
N ASP C 75 -42.03 -27.71 -16.65
CA ASP C 75 -43.14 -28.62 -16.26
C ASP C 75 -44.15 -27.86 -15.39
N SER C 76 -43.73 -27.43 -14.19
CA SER C 76 -44.56 -26.67 -13.22
C SER C 76 -44.98 -25.34 -13.84
N GLN C 77 -46.17 -24.83 -13.49
CA GLN C 77 -46.72 -23.54 -13.97
C GLN C 77 -45.80 -22.41 -13.49
N VAL C 78 -45.66 -21.37 -14.31
CA VAL C 78 -44.73 -20.21 -14.06
C VAL C 78 -45.30 -19.38 -12.90
N SER C 79 -44.75 -19.53 -11.70
CA SER C 79 -45.19 -18.84 -10.45
C SER C 79 -43.99 -18.16 -9.76
N ARG C 80 -44.27 -17.41 -8.69
CA ARG C 80 -43.26 -16.68 -7.87
C ARG C 80 -42.83 -17.56 -6.69
N PRO C 81 -41.62 -17.35 -6.12
CA PRO C 81 -41.10 -18.23 -5.06
C PRO C 81 -42.07 -18.42 -3.88
N THR C 82 -42.25 -19.65 -3.42
CA THR C 82 -43.11 -19.99 -2.25
C THR C 82 -42.42 -19.55 -0.96
N LEU C 83 -43.15 -19.51 0.15
CA LEU C 83 -42.67 -19.04 1.48
C LEU C 83 -41.52 -19.95 1.96
N GLU C 84 -41.67 -21.27 1.80
CA GLU C 84 -40.65 -22.29 2.20
C GLU C 84 -39.37 -22.09 1.38
N GLU C 85 -39.48 -21.64 0.14
CA GLU C 85 -38.34 -21.41 -0.79
C GLU C 85 -37.63 -20.10 -0.42
N LEU C 86 -38.33 -19.14 0.20
CA LEU C 86 -37.77 -17.85 0.67
C LEU C 86 -37.13 -18.02 2.06
N GLU C 87 -37.44 -19.11 2.77
CA GLU C 87 -36.73 -19.52 4.01
C GLU C 87 -35.38 -20.13 3.61
N THR C 88 -35.36 -20.96 2.54
CA THR C 88 -34.17 -21.67 2.03
C THR C 88 -33.08 -20.65 1.65
N LEU C 89 -33.47 -19.49 1.10
CA LEU C 89 -32.55 -18.36 0.82
C LEU C 89 -32.06 -17.76 2.15
N HIS C 90 -32.98 -17.50 3.09
CA HIS C 90 -32.72 -16.87 4.41
C HIS C 90 -31.66 -17.68 5.17
N LYS C 91 -31.73 -19.01 5.08
CA LYS C 91 -30.81 -19.97 5.74
C LYS C 91 -29.48 -20.04 4.96
N TYR C 92 -29.54 -20.04 3.63
CA TYR C 92 -28.36 -20.06 2.71
C TYR C 92 -27.48 -18.83 2.96
N PHE C 93 -28.10 -17.65 3.10
CA PHE C 93 -27.43 -16.34 3.33
C PHE C 93 -27.26 -16.10 4.84
N GLN C 94 -27.66 -17.06 5.69
CA GLN C 94 -27.56 -16.97 7.17
C GLN C 94 -27.87 -15.53 7.60
N LEU C 95 -29.04 -15.01 7.21
CA LEU C 95 -29.44 -13.58 7.42
C LEU C 95 -29.93 -13.37 8.85
N ASP C 96 -30.13 -14.45 9.63
CA ASP C 96 -30.36 -14.39 11.10
C ASP C 96 -29.18 -13.65 11.74
N VAL C 97 -27.94 -14.06 11.40
CA VAL C 97 -26.67 -13.47 11.91
C VAL C 97 -26.59 -12.01 11.43
N SER C 98 -26.42 -11.07 12.37
CA SER C 98 -26.35 -9.61 12.11
C SER C 98 -24.91 -9.21 11.77
N LEU C 99 -24.70 -8.61 10.60
CA LEU C 99 -23.37 -8.24 10.06
C LEU C 99 -22.91 -6.93 10.71
N ALA C 100 -23.84 -6.03 11.03
CA ALA C 100 -23.56 -4.74 11.73
C ALA C 100 -23.10 -5.03 13.16
N GLN C 101 -23.68 -6.04 13.81
CA GLN C 101 -23.27 -6.53 15.16
C GLN C 101 -21.82 -7.02 15.11
N LEU C 102 -21.42 -7.66 14.00
CA LEU C 102 -20.08 -8.29 13.83
C LEU C 102 -19.07 -7.25 13.32
N TYR C 103 -19.33 -6.60 12.18
CA TYR C 103 -18.46 -5.54 11.61
C TYR C 103 -18.03 -4.56 12.70
N SER C 104 -18.94 -4.20 13.61
CA SER C 104 -18.73 -3.26 14.73
C SER C 104 -17.78 -3.87 15.78
N HIS C 105 -17.96 -5.15 16.13
CA HIS C 105 -17.12 -5.89 17.11
C HIS C 105 -15.68 -6.02 16.59
N TRP C 106 -15.52 -6.41 15.32
CA TRP C 106 -14.20 -6.58 14.65
C TRP C 106 -13.48 -5.23 14.65
N ALA C 107 -14.19 -4.15 14.32
CA ALA C 107 -13.67 -2.76 14.29
C ALA C 107 -13.20 -2.34 15.68
N SER C 108 -13.82 -2.87 16.75
CA SER C 108 -13.54 -2.51 18.16
C SER C 108 -12.27 -3.22 18.67
N VAL C 109 -11.86 -4.32 18.02
CA VAL C 109 -10.64 -5.11 18.39
C VAL C 109 -9.55 -4.97 17.32
N ASP C 110 -9.90 -4.55 16.08
CA ASP C 110 -8.96 -4.55 14.92
C ASP C 110 -9.01 -3.21 14.19
N SER C 111 -8.01 -2.37 14.43
CA SER C 111 -7.79 -1.06 13.76
C SER C 111 -7.73 -1.22 12.23
N HIS C 112 -7.02 -2.23 11.72
CA HIS C 112 -6.78 -2.46 10.27
C HIS C 112 -8.12 -2.71 9.57
N PHE C 113 -8.94 -3.61 10.12
CA PHE C 113 -10.26 -4.01 9.59
C PHE C 113 -11.11 -2.76 9.32
N GLN C 114 -11.16 -1.84 10.29
CA GLN C 114 -12.00 -0.61 10.29
C GLN C 114 -11.76 0.20 9.01
N ARG C 115 -10.50 0.36 8.59
CA ARG C 115 -10.12 1.16 7.39
C ARG C 115 -10.57 0.42 6.12
N VAL C 116 -10.43 -0.90 6.10
CA VAL C 116 -10.80 -1.79 4.95
C VAL C 116 -12.34 -1.88 4.85
N ALA C 117 -13.00 -2.27 5.95
CA ALA C 117 -14.42 -2.66 6.03
C ALA C 117 -15.36 -1.58 5.47
N GLN C 118 -15.00 -0.30 5.62
CA GLN C 118 -15.88 0.87 5.30
C GLN C 118 -16.37 0.80 3.84
N LYS C 119 -15.53 0.32 2.91
CA LYS C 119 -15.82 0.30 1.45
C LYS C 119 -16.32 -1.10 1.02
N PHE C 120 -16.38 -2.07 1.94
CA PHE C 120 -16.75 -3.48 1.66
C PHE C 120 -17.75 -3.98 2.71
N GLN C 121 -18.88 -3.28 2.81
CA GLN C 121 -20.01 -3.68 3.68
C GLN C 121 -20.82 -4.74 2.92
N GLY C 122 -21.47 -5.66 3.64
CA GLY C 122 -22.40 -6.67 3.08
C GLY C 122 -21.75 -8.01 2.80
N VAL C 123 -20.48 -8.18 3.18
CA VAL C 123 -19.73 -9.46 3.00
C VAL C 123 -20.12 -10.40 4.15
N ARG C 124 -20.80 -11.51 3.82
CA ARG C 124 -21.22 -12.56 4.80
C ARG C 124 -20.84 -13.94 4.24
N LEU C 125 -21.17 -15.01 4.96
CA LEU C 125 -20.85 -16.41 4.59
C LEU C 125 -22.11 -17.14 4.11
N LEU C 126 -22.06 -17.73 2.92
CA LEU C 126 -23.09 -18.64 2.37
C LEU C 126 -23.00 -19.98 3.12
N ARG C 127 -24.15 -20.53 3.54
CA ARG C 127 -24.28 -21.88 4.14
C ARG C 127 -24.47 -22.88 3.00
N GLN C 128 -23.38 -23.43 2.50
CA GLN C 128 -23.34 -24.29 1.28
C GLN C 128 -23.70 -25.73 1.66
N ASP C 129 -24.03 -26.53 0.64
CA ASP C 129 -24.20 -28.00 0.76
C ASP C 129 -22.83 -28.60 1.08
N PRO C 130 -22.67 -29.29 2.23
CA PRO C 130 -21.39 -29.88 2.61
C PRO C 130 -20.78 -30.70 1.46
N THR C 131 -21.63 -31.45 0.75
CA THR C 131 -21.25 -32.32 -0.39
C THR C 131 -20.68 -31.45 -1.52
N GLU C 132 -21.48 -30.50 -2.00
CA GLU C 132 -21.12 -29.55 -3.09
C GLU C 132 -19.79 -28.87 -2.73
N CYS C 133 -19.72 -28.25 -1.55
CA CYS C 133 -18.55 -27.49 -1.05
C CYS C 133 -17.30 -28.39 -1.08
N LEU C 134 -17.37 -29.54 -0.42
CA LEU C 134 -16.25 -30.53 -0.31
C LEU C 134 -15.68 -30.79 -1.72
N PHE C 135 -16.51 -31.27 -2.65
CA PHE C 135 -16.08 -31.78 -3.97
C PHE C 135 -15.67 -30.63 -4.88
N SER C 136 -16.25 -29.43 -4.67
CA SER C 136 -15.83 -28.17 -5.33
C SER C 136 -14.40 -27.81 -4.89
N PHE C 137 -14.08 -28.00 -3.61
CA PHE C 137 -12.84 -27.52 -2.94
C PHE C 137 -11.71 -28.55 -3.00
N ILE C 138 -11.99 -29.81 -3.38
CA ILE C 138 -10.94 -30.85 -3.59
C ILE C 138 -10.14 -30.49 -4.86
N CYS C 139 -10.80 -29.83 -5.83
CA CYS C 139 -10.22 -29.41 -7.13
C CYS C 139 -9.71 -27.96 -7.07
N SER C 140 -9.74 -27.35 -5.88
CA SER C 140 -9.41 -25.91 -5.64
C SER C 140 -7.89 -25.72 -5.57
N SER C 141 -7.19 -26.65 -4.91
CA SER C 141 -5.73 -26.60 -4.63
C SER C 141 -4.96 -26.03 -5.84
N ASN C 142 -4.35 -24.85 -5.67
CA ASN C 142 -3.35 -24.27 -6.59
C ASN C 142 -4.02 -23.78 -7.89
N ASN C 143 -5.31 -23.40 -7.82
CA ASN C 143 -6.10 -22.92 -8.99
C ASN C 143 -6.85 -21.63 -8.60
N ASN C 144 -7.01 -20.72 -9.56
CA ASN C 144 -7.76 -19.45 -9.38
C ASN C 144 -9.26 -19.74 -9.49
N ILE C 145 -10.11 -18.73 -9.26
CA ILE C 145 -11.59 -18.85 -9.15
C ILE C 145 -12.19 -19.25 -10.51
N ALA C 146 -11.76 -18.57 -11.59
CA ALA C 146 -12.29 -18.74 -12.97
C ALA C 146 -12.12 -20.19 -13.44
N ARG C 147 -10.98 -20.82 -13.11
CA ARG C 147 -10.63 -22.20 -13.52
C ARG C 147 -11.53 -23.21 -12.79
N ILE C 148 -11.74 -23.01 -11.48
CA ILE C 148 -12.56 -23.90 -10.61
C ILE C 148 -14.03 -23.77 -11.01
N THR C 149 -14.48 -22.56 -11.38
CA THR C 149 -15.86 -22.25 -11.85
C THR C 149 -16.18 -23.12 -13.07
N GLY C 150 -15.25 -23.22 -14.02
CA GLY C 150 -15.32 -24.11 -15.19
C GLY C 150 -15.35 -25.58 -14.79
N MET C 151 -14.36 -26.02 -14.00
CA MET C 151 -14.23 -27.41 -13.48
C MET C 151 -15.59 -27.88 -12.93
N VAL C 152 -16.17 -27.11 -12.02
CA VAL C 152 -17.41 -27.47 -11.26
C VAL C 152 -18.61 -27.52 -12.21
N GLU C 153 -18.58 -26.76 -13.32
CA GLU C 153 -19.67 -26.76 -14.34
C GLU C 153 -19.57 -28.05 -15.17
N ARG C 154 -18.44 -28.22 -15.86
CA ARG C 154 -18.14 -29.41 -16.72
C ARG C 154 -18.33 -30.69 -15.88
N LEU C 155 -17.96 -30.65 -14.60
CA LEU C 155 -18.23 -31.72 -13.60
C LEU C 155 -19.74 -31.91 -13.47
N CYS C 156 -20.47 -30.83 -13.15
CA CYS C 156 -21.93 -30.83 -12.90
C CYS C 156 -22.69 -31.26 -14.16
N GLN C 157 -22.20 -30.89 -15.36
CA GLN C 157 -22.82 -31.31 -16.66
C GLN C 157 -22.74 -32.83 -16.78
N ALA C 158 -21.54 -33.39 -16.70
CA ALA C 158 -21.20 -34.81 -16.99
C ALA C 158 -21.90 -35.74 -15.99
N PHE C 159 -21.88 -35.41 -14.69
CA PHE C 159 -22.28 -36.32 -13.58
C PHE C 159 -23.59 -35.86 -12.90
N GLY C 160 -24.19 -34.76 -13.37
CA GLY C 160 -25.31 -34.10 -12.66
C GLY C 160 -26.61 -34.14 -13.46
N PRO C 161 -27.78 -34.15 -12.77
CA PRO C 161 -29.07 -34.15 -13.45
C PRO C 161 -29.40 -32.80 -14.10
N ARG C 162 -29.71 -32.81 -15.41
CA ARG C 162 -30.19 -31.64 -16.19
C ARG C 162 -31.49 -31.12 -15.57
N LEU C 163 -31.53 -29.85 -15.16
CA LEU C 163 -32.67 -29.23 -14.42
C LEU C 163 -33.54 -28.41 -15.39
N ILE C 164 -32.93 -27.54 -16.19
CA ILE C 164 -33.63 -26.57 -17.08
C ILE C 164 -32.60 -25.92 -18.02
N GLN C 165 -33.07 -25.32 -19.12
CA GLN C 165 -32.27 -24.42 -19.99
C GLN C 165 -32.85 -23.01 -19.92
N LEU C 166 -31.97 -22.00 -19.81
CA LEU C 166 -32.30 -20.56 -19.82
C LEU C 166 -31.32 -19.84 -20.76
N ASP C 167 -31.82 -19.21 -21.82
CA ASP C 167 -31.01 -18.74 -22.97
C ASP C 167 -30.21 -19.95 -23.46
N ASP C 168 -28.88 -19.84 -23.63
CA ASP C 168 -28.03 -20.91 -24.20
C ASP C 168 -27.22 -21.58 -23.08
N VAL C 169 -27.78 -21.67 -21.86
CA VAL C 169 -27.07 -22.18 -20.65
C VAL C 169 -27.88 -23.35 -20.07
N THR C 170 -27.26 -24.55 -20.05
CA THR C 170 -27.84 -25.81 -19.53
C THR C 170 -27.46 -25.98 -18.06
N TYR C 171 -28.43 -25.82 -17.15
CA TYR C 171 -28.23 -25.89 -15.68
C TYR C 171 -28.41 -27.34 -15.23
N HIS C 172 -27.40 -27.87 -14.53
CA HIS C 172 -27.38 -29.21 -13.89
C HIS C 172 -27.22 -29.07 -12.37
N GLY C 173 -27.89 -29.92 -11.59
CA GLY C 173 -27.66 -30.07 -10.14
C GLY C 173 -26.25 -30.59 -9.86
N PHE C 174 -25.83 -30.59 -8.59
CA PHE C 174 -24.51 -31.11 -8.18
C PHE C 174 -24.61 -32.62 -8.01
N PRO C 175 -23.64 -33.41 -8.55
CA PRO C 175 -23.72 -34.87 -8.49
C PRO C 175 -23.87 -35.40 -7.06
N ASN C 176 -24.62 -36.51 -6.90
CA ASN C 176 -24.68 -37.31 -5.66
C ASN C 176 -23.38 -38.12 -5.56
N LEU C 177 -23.13 -38.72 -4.39
CA LEU C 177 -21.83 -39.38 -4.06
C LEU C 177 -21.59 -40.59 -4.99
N HIS C 178 -22.61 -41.43 -5.18
CA HIS C 178 -22.54 -42.66 -6.04
C HIS C 178 -21.95 -42.32 -7.41
N ALA C 179 -22.49 -41.28 -8.06
CA ALA C 179 -22.11 -40.83 -9.42
C ALA C 179 -20.59 -40.63 -9.51
N LEU C 180 -19.97 -40.12 -8.45
CA LEU C 180 -18.53 -39.74 -8.41
C LEU C 180 -17.65 -40.95 -8.03
N ALA C 181 -18.24 -41.99 -7.44
CA ALA C 181 -17.54 -43.18 -6.90
C ALA C 181 -17.39 -44.29 -7.97
N GLY C 182 -17.99 -44.10 -9.14
CA GLY C 182 -17.95 -45.08 -10.26
C GLY C 182 -16.54 -45.28 -10.81
N PRO C 183 -16.22 -46.46 -11.38
CA PRO C 183 -14.86 -46.76 -11.83
C PRO C 183 -14.32 -45.84 -12.94
N GLU C 184 -15.20 -45.38 -13.83
CA GLU C 184 -14.84 -44.53 -15.01
C GLU C 184 -14.84 -43.04 -14.62
N ALA C 185 -15.26 -42.71 -13.39
CA ALA C 185 -15.30 -41.33 -12.86
C ALA C 185 -13.94 -40.65 -13.06
N GLU C 186 -12.86 -41.38 -12.78
CA GLU C 186 -11.44 -40.91 -12.85
C GLU C 186 -11.09 -40.54 -14.30
N THR C 187 -11.54 -41.33 -15.28
CA THR C 187 -11.25 -41.15 -16.73
C THR C 187 -11.89 -39.86 -17.23
N HIS C 188 -13.21 -39.71 -17.02
CA HIS C 188 -14.01 -38.50 -17.37
C HIS C 188 -13.40 -37.29 -16.65
N LEU C 189 -13.17 -37.42 -15.34
CA LEU C 189 -12.53 -36.38 -14.48
C LEU C 189 -11.17 -36.00 -15.06
N ARG C 190 -10.31 -37.00 -15.35
CA ARG C 190 -8.95 -36.81 -15.91
C ARG C 190 -9.04 -36.15 -17.29
N LYS C 191 -10.05 -36.52 -18.08
CA LYS C 191 -10.32 -35.93 -19.42
C LYS C 191 -10.82 -34.49 -19.26
N LEU C 192 -11.69 -34.26 -18.27
CA LEU C 192 -12.34 -32.94 -17.97
C LEU C 192 -11.29 -31.86 -17.71
N GLY C 193 -10.16 -32.23 -17.08
CA GLY C 193 -9.06 -31.30 -16.73
C GLY C 193 -8.54 -31.50 -15.32
N LEU C 194 -9.26 -32.25 -14.47
CA LEU C 194 -8.84 -32.58 -13.08
C LEU C 194 -7.58 -33.45 -13.13
N GLY C 195 -6.61 -33.18 -12.26
CA GLY C 195 -5.33 -33.89 -12.20
C GLY C 195 -5.45 -35.21 -11.47
N TYR C 196 -4.40 -35.62 -10.76
CA TYR C 196 -4.38 -36.79 -9.84
C TYR C 196 -5.54 -36.66 -8.84
N ARG C 197 -6.00 -35.42 -8.59
CA ARG C 197 -7.14 -35.07 -7.70
C ARG C 197 -8.38 -35.87 -8.08
N ALA C 198 -8.58 -36.15 -9.38
CA ALA C 198 -9.68 -37.02 -9.89
C ALA C 198 -9.77 -38.28 -9.03
N ARG C 199 -8.63 -38.93 -8.77
CA ARG C 199 -8.49 -40.12 -7.90
C ARG C 199 -8.95 -39.76 -6.48
N TYR C 200 -8.55 -38.60 -5.98
CA TYR C 200 -8.89 -38.06 -4.63
C TYR C 200 -10.40 -37.78 -4.53
N VAL C 201 -11.00 -37.28 -5.63
CA VAL C 201 -12.48 -37.06 -5.72
C VAL C 201 -13.16 -38.43 -5.63
N ARG C 202 -12.79 -39.34 -6.53
CA ARG C 202 -13.31 -40.73 -6.61
C ARG C 202 -13.08 -41.44 -5.25
N ALA C 203 -11.86 -41.34 -4.71
CA ALA C 203 -11.43 -41.97 -3.44
C ALA C 203 -12.30 -41.45 -2.28
N SER C 204 -12.26 -40.14 -2.03
CA SER C 204 -12.98 -39.45 -0.91
C SER C 204 -14.49 -39.72 -0.99
N ALA C 205 -15.03 -39.79 -2.22
CA ALA C 205 -16.44 -40.15 -2.51
C ALA C 205 -16.66 -41.63 -2.13
N LYS C 206 -15.85 -42.52 -2.69
CA LYS C 206 -15.87 -43.98 -2.43
C LYS C 206 -15.60 -44.24 -0.94
N ALA C 207 -14.72 -43.46 -0.33
CA ALA C 207 -14.34 -43.54 1.11
C ALA C 207 -15.51 -43.08 1.97
N ILE C 208 -16.16 -41.97 1.61
CA ILE C 208 -17.35 -41.39 2.31
C ILE C 208 -18.49 -42.43 2.27
N LEU C 209 -18.64 -43.15 1.15
CA LEU C 209 -19.67 -44.20 0.95
C LEU C 209 -19.24 -45.49 1.66
N GLU C 210 -17.93 -45.80 1.65
CA GLU C 210 -17.35 -47.03 2.26
C GLU C 210 -17.65 -47.07 3.77
N GLU C 211 -17.14 -46.08 4.51
CA GLU C 211 -17.20 -46.02 6.00
C GLU C 211 -18.48 -45.30 6.45
N GLN C 212 -18.54 -43.98 6.28
CA GLN C 212 -19.65 -43.10 6.75
C GLN C 212 -20.98 -43.64 6.24
N GLY C 213 -21.09 -43.84 4.92
CA GLY C 213 -22.31 -44.29 4.23
C GLY C 213 -22.79 -43.28 3.20
N GLY C 214 -22.68 -41.98 3.51
CA GLY C 214 -23.02 -40.89 2.60
C GLY C 214 -23.29 -39.56 3.32
N PRO C 215 -24.30 -38.77 2.89
CA PRO C 215 -24.50 -37.41 3.40
C PRO C 215 -25.05 -37.30 4.84
N ALA C 216 -25.31 -38.44 5.51
CA ALA C 216 -25.70 -38.51 6.93
C ALA C 216 -24.54 -38.02 7.80
N TRP C 217 -23.31 -38.45 7.48
CA TRP C 217 -22.05 -38.14 8.20
C TRP C 217 -21.79 -36.63 8.20
N LEU C 218 -21.98 -35.97 7.05
CA LEU C 218 -21.66 -34.53 6.84
C LEU C 218 -22.61 -33.65 7.68
N GLN C 219 -23.78 -34.18 8.07
CA GLN C 219 -24.72 -33.50 8.99
C GLN C 219 -24.31 -33.76 10.45
N GLN C 220 -23.66 -34.89 10.72
CA GLN C 220 -23.06 -35.21 12.06
C GLN C 220 -21.93 -34.21 12.35
N LEU C 221 -21.11 -33.90 11.34
CA LEU C 221 -19.96 -32.95 11.44
C LEU C 221 -20.48 -31.51 11.60
N ARG C 222 -21.67 -31.22 11.07
CA ARG C 222 -22.31 -29.88 11.08
C ARG C 222 -22.83 -29.58 12.50
N VAL C 223 -23.14 -30.62 13.29
CA VAL C 223 -23.59 -30.52 14.71
C VAL C 223 -22.40 -30.77 15.64
N ALA C 224 -21.43 -31.60 15.22
CA ALA C 224 -20.19 -31.91 15.97
C ALA C 224 -19.38 -30.62 16.15
N PRO C 225 -18.59 -30.50 17.25
CA PRO C 225 -17.73 -29.33 17.46
C PRO C 225 -16.53 -29.30 16.52
N TYR C 226 -15.98 -28.09 16.29
CA TYR C 226 -14.90 -27.77 15.32
C TYR C 226 -13.74 -28.75 15.46
N GLU C 227 -13.35 -29.06 16.71
CA GLU C 227 -12.23 -29.97 17.05
C GLU C 227 -12.37 -31.28 16.26
N GLU C 228 -13.50 -31.98 16.42
CA GLU C 228 -13.78 -33.32 15.85
C GLU C 228 -13.87 -33.23 14.32
N ALA C 229 -14.60 -32.24 13.80
CA ALA C 229 -14.97 -32.08 12.38
C ALA C 229 -13.73 -31.90 11.49
N HIS C 230 -12.84 -30.97 11.86
CA HIS C 230 -11.61 -30.63 11.11
C HIS C 230 -10.75 -31.89 10.94
N LYS C 231 -10.57 -32.66 12.01
CA LYS C 231 -9.77 -33.93 12.04
C LYS C 231 -10.48 -34.99 11.19
N ALA C 232 -11.80 -35.09 11.31
CA ALA C 232 -12.66 -36.07 10.59
C ALA C 232 -12.44 -35.92 9.07
N LEU C 233 -12.56 -34.70 8.55
CA LEU C 233 -12.42 -34.40 7.09
C LEU C 233 -10.97 -34.63 6.64
N CYS C 234 -10.00 -34.46 7.53
CA CYS C 234 -8.54 -34.57 7.22
C CYS C 234 -8.14 -36.03 6.99
N THR C 235 -9.00 -37.00 7.33
CA THR C 235 -8.84 -38.44 7.01
C THR C 235 -9.01 -38.64 5.50
N LEU C 236 -9.96 -37.91 4.89
CA LEU C 236 -10.34 -38.06 3.46
C LEU C 236 -9.15 -37.68 2.57
N PRO C 237 -8.87 -38.46 1.50
CA PRO C 237 -7.78 -38.13 0.57
C PRO C 237 -7.98 -36.80 -0.17
N GLY C 238 -6.90 -36.07 -0.43
CA GLY C 238 -6.90 -34.76 -1.13
C GLY C 238 -7.30 -33.61 -0.22
N VAL C 239 -7.66 -33.90 1.04
CA VAL C 239 -8.20 -32.92 2.03
C VAL C 239 -7.08 -32.58 3.05
N GLY C 240 -6.47 -31.41 2.90
CA GLY C 240 -5.45 -30.88 3.84
C GLY C 240 -6.10 -30.26 5.06
N ALA C 241 -5.46 -29.24 5.65
CA ALA C 241 -5.97 -28.46 6.79
C ALA C 241 -6.74 -27.24 6.27
N LYS C 242 -6.31 -26.69 5.14
CA LYS C 242 -6.94 -25.49 4.50
C LYS C 242 -8.33 -25.84 3.97
N VAL C 243 -8.40 -26.79 3.03
CA VAL C 243 -9.67 -27.25 2.39
C VAL C 243 -10.66 -27.66 3.49
N ALA C 244 -10.19 -28.34 4.54
CA ALA C 244 -10.98 -28.73 5.73
C ALA C 244 -11.53 -27.48 6.42
N ASP C 245 -10.71 -26.43 6.57
CA ASP C 245 -11.08 -25.14 7.22
C ASP C 245 -12.10 -24.41 6.34
N CYS C 246 -11.90 -24.39 5.02
CA CYS C 246 -12.84 -23.81 4.02
C CYS C 246 -14.21 -24.47 4.17
N ILE C 247 -14.25 -25.80 4.04
CA ILE C 247 -15.49 -26.62 4.12
C ILE C 247 -16.15 -26.39 5.49
N CYS C 248 -15.36 -26.42 6.56
CA CYS C 248 -15.83 -26.22 7.96
C CYS C 248 -16.56 -24.88 8.08
N LEU C 249 -15.95 -23.80 7.59
CA LEU C 249 -16.46 -22.41 7.69
C LEU C 249 -17.69 -22.21 6.79
N MET C 250 -17.70 -22.84 5.61
CA MET C 250 -18.63 -22.52 4.50
C MET C 250 -19.84 -23.47 4.49
N ALA C 251 -19.73 -24.68 5.05
CA ALA C 251 -20.79 -25.71 5.02
C ALA C 251 -21.20 -26.12 6.45
N LEU C 252 -20.23 -26.42 7.33
CA LEU C 252 -20.46 -27.09 8.64
C LEU C 252 -20.61 -26.06 9.77
N ASP C 253 -20.99 -24.82 9.46
CA ASP C 253 -21.37 -23.77 10.44
C ASP C 253 -20.29 -23.62 11.50
N LYS C 254 -19.02 -23.49 11.08
CA LYS C 254 -17.85 -23.20 11.94
C LYS C 254 -17.39 -21.78 11.67
N PRO C 255 -18.12 -20.74 12.14
CA PRO C 255 -17.75 -19.36 11.86
C PRO C 255 -16.32 -19.03 12.30
N GLN C 256 -15.80 -19.76 13.30
CA GLN C 256 -14.46 -19.52 13.92
C GLN C 256 -13.34 -20.00 13.00
N ALA C 257 -13.59 -20.99 12.14
CA ALA C 257 -12.59 -21.62 11.25
C ALA C 257 -11.98 -20.56 10.32
N VAL C 258 -10.64 -20.54 10.23
CA VAL C 258 -9.84 -19.59 9.41
C VAL C 258 -8.92 -20.38 8.50
N PRO C 259 -9.30 -20.65 7.22
CA PRO C 259 -8.40 -21.35 6.31
C PRO C 259 -7.13 -20.53 6.08
N VAL C 260 -5.95 -21.13 6.25
CA VAL C 260 -4.63 -20.43 6.14
C VAL C 260 -3.87 -20.96 4.91
N ASP C 261 -3.30 -20.03 4.13
CA ASP C 261 -2.37 -20.30 3.01
C ASP C 261 -1.39 -19.13 2.90
N VAL C 262 -0.60 -19.08 1.83
CA VAL C 262 0.48 -18.07 1.61
C VAL C 262 -0.11 -16.66 1.57
N HIS C 263 -1.33 -16.50 1.05
CA HIS C 263 -1.99 -15.18 0.88
C HIS C 263 -2.41 -14.62 2.25
N VAL C 264 -3.03 -15.44 3.10
CA VAL C 264 -3.35 -15.12 4.53
C VAL C 264 -2.05 -14.70 5.21
N TRP C 265 -1.04 -15.58 5.15
CA TRP C 265 0.33 -15.39 5.67
C TRP C 265 0.87 -14.03 5.21
N GLN C 266 0.65 -13.67 3.94
CA GLN C 266 1.04 -12.38 3.33
C GLN C 266 0.36 -11.22 4.08
N ILE C 267 -0.97 -11.28 4.24
CA ILE C 267 -1.79 -10.22 4.91
C ILE C 267 -1.39 -10.12 6.39
N ALA C 268 -1.34 -11.26 7.08
CA ALA C 268 -0.96 -11.37 8.51
C ALA C 268 0.34 -10.60 8.75
N HIS C 269 1.32 -10.76 7.86
CA HIS C 269 2.69 -10.19 8.02
C HIS C 269 2.65 -8.69 7.70
N ARG C 270 2.07 -8.30 6.57
CA ARG C 270 2.08 -6.89 6.06
C ARG C 270 1.18 -6.00 6.93
N ASP C 271 -0.01 -6.46 7.28
CA ASP C 271 -1.10 -5.62 7.84
C ASP C 271 -1.18 -5.75 9.37
N TYR C 272 -0.66 -6.84 9.95
CA TYR C 272 -0.76 -7.16 11.39
C TYR C 272 0.62 -7.34 12.03
N GLY C 273 1.71 -7.25 11.25
CA GLY C 273 3.08 -7.42 11.75
C GLY C 273 3.34 -8.82 12.30
N TRP C 274 2.62 -9.83 11.79
CA TRP C 274 2.68 -11.22 12.30
C TRP C 274 3.92 -11.95 11.80
N HIS C 275 4.65 -12.57 12.73
CA HIS C 275 5.70 -13.60 12.48
C HIS C 275 5.41 -14.79 13.38
N PRO C 276 5.71 -16.03 12.94
CA PRO C 276 5.51 -17.20 13.79
C PRO C 276 6.34 -17.09 15.08
N LYS C 277 5.77 -17.51 16.22
CA LYS C 277 6.47 -17.65 17.51
C LYS C 277 6.98 -19.10 17.61
N THR C 278 7.92 -19.46 16.73
CA THR C 278 8.42 -20.85 16.54
C THR C 278 9.59 -20.80 15.53
N SER C 279 9.56 -21.64 14.48
CA SER C 279 10.55 -21.67 13.37
C SER C 279 10.36 -20.44 12.47
N GLN C 280 11.37 -20.14 11.64
CA GLN C 280 11.34 -19.03 10.65
C GLN C 280 10.25 -19.32 9.61
N PRO C 284 6.23 -21.10 5.62
CA PRO C 284 4.95 -21.76 5.96
C PRO C 284 5.15 -23.22 6.36
N SER C 285 4.34 -23.71 7.30
CA SER C 285 4.43 -25.07 7.92
C SER C 285 3.08 -25.47 8.51
N PRO C 286 2.85 -26.75 8.88
CA PRO C 286 1.56 -27.16 9.45
C PRO C 286 1.25 -26.47 10.79
N LEU C 287 2.24 -26.38 11.69
CA LEU C 287 2.07 -25.82 13.06
C LEU C 287 2.03 -24.29 13.01
N ALA C 288 2.79 -23.69 12.09
CA ALA C 288 2.86 -22.22 11.89
C ALA C 288 1.57 -21.72 11.25
N ASN C 289 0.99 -22.53 10.35
CA ASN C 289 -0.34 -22.28 9.72
C ASN C 289 -1.43 -22.38 10.79
N LYS C 290 -1.35 -23.40 11.67
CA LYS C 290 -2.31 -23.61 12.78
C LYS C 290 -2.17 -22.46 13.80
N GLU C 291 -0.99 -21.87 13.92
CA GLU C 291 -0.70 -20.74 14.85
C GLU C 291 -1.37 -19.47 14.31
N LEU C 292 -1.29 -19.23 13.00
CA LEU C 292 -1.87 -18.03 12.35
C LEU C 292 -3.41 -18.10 12.42
N GLY C 293 -3.96 -19.31 12.39
CA GLY C 293 -5.40 -19.58 12.61
C GLY C 293 -5.82 -19.19 14.02
N ASN C 294 -5.12 -19.74 15.02
CA ASN C 294 -5.31 -19.40 16.46
C ASN C 294 -5.22 -17.87 16.62
N PHE C 295 -4.21 -17.26 16.02
CA PHE C 295 -3.94 -15.79 16.11
C PHE C 295 -5.20 -15.02 15.72
N PHE C 296 -5.81 -15.33 14.58
CA PHE C 296 -6.97 -14.59 14.01
C PHE C 296 -8.24 -14.91 14.83
N ARG C 297 -8.39 -16.15 15.31
CA ARG C 297 -9.48 -16.52 16.25
C ARG C 297 -9.38 -15.66 17.52
N ASN C 298 -8.19 -15.63 18.15
CA ASN C 298 -7.92 -14.93 19.44
C ASN C 298 -8.08 -13.41 19.28
N LEU C 299 -7.98 -12.88 18.06
CA LEU C 299 -8.12 -11.42 17.79
C LEU C 299 -9.60 -11.08 17.51
N TRP C 300 -10.28 -11.86 16.68
CA TRP C 300 -11.55 -11.48 16.00
C TRP C 300 -12.77 -12.05 16.73
N GLY C 301 -12.67 -13.26 17.28
CA GLY C 301 -13.76 -13.90 18.04
C GLY C 301 -14.19 -15.23 17.42
N PRO C 302 -15.40 -15.74 17.71
CA PRO C 302 -15.88 -17.00 17.14
C PRO C 302 -16.42 -16.88 15.70
N TYR C 303 -16.49 -15.66 15.15
CA TYR C 303 -16.82 -15.39 13.72
C TYR C 303 -15.56 -14.86 13.00
N ALA C 304 -14.42 -15.50 13.23
CA ALA C 304 -13.09 -15.10 12.67
C ALA C 304 -13.06 -15.39 11.17
N GLY C 305 -13.55 -16.56 10.76
CA GLY C 305 -13.70 -16.94 9.33
C GLY C 305 -14.47 -15.90 8.54
N TRP C 306 -15.50 -15.30 9.15
CA TRP C 306 -16.38 -14.28 8.52
C TRP C 306 -15.59 -12.98 8.34
N ALA C 307 -14.72 -12.66 9.30
CA ALA C 307 -13.86 -11.46 9.29
C ALA C 307 -12.86 -11.59 8.14
N GLN C 308 -12.20 -12.74 8.06
CA GLN C 308 -11.27 -13.11 6.95
C GLN C 308 -11.98 -12.85 5.62
N ALA C 309 -13.23 -13.32 5.48
CA ALA C 309 -14.07 -13.22 4.26
C ALA C 309 -14.19 -11.77 3.81
N VAL C 310 -14.31 -10.82 4.73
CA VAL C 310 -14.39 -9.36 4.42
C VAL C 310 -13.07 -8.92 3.77
N LEU C 311 -11.93 -9.21 4.42
CA LEU C 311 -10.57 -8.80 3.97
C LEU C 311 -10.25 -9.48 2.64
N PHE C 312 -10.51 -10.78 2.53
CA PHE C 312 -10.32 -11.60 1.30
C PHE C 312 -11.08 -10.95 0.15
N SER C 313 -12.37 -10.67 0.35
CA SER C 313 -13.28 -10.07 -0.65
C SER C 313 -12.92 -8.60 -0.88
N ALA C 314 -12.26 -7.95 0.09
CA ALA C 314 -11.72 -6.57 -0.02
C ALA C 314 -10.44 -6.60 -0.88
N ASP C 315 -9.50 -7.48 -0.52
CA ASP C 315 -8.20 -7.68 -1.24
C ASP C 315 -8.50 -8.00 -2.71
N LEU C 316 -9.36 -9.00 -2.96
CA LEU C 316 -9.85 -9.39 -4.31
C LEU C 316 -10.57 -8.20 -4.95
#